data_2XMF
# 
_entry.id   2XMF 
# 
_audit_conform.dict_name       mmcif_pdbx.dic 
_audit_conform.dict_version    5.391 
_audit_conform.dict_location   http://mmcif.pdb.org/dictionaries/ascii/mmcif_pdbx.dic 
# 
loop_
_database_2.database_id 
_database_2.database_code 
_database_2.pdbx_database_accession 
_database_2.pdbx_DOI 
PDB   2XMF         pdb_00002xmf 10.2210/pdb2xmf/pdb 
PDBE  EBI-44796    ?            ?                   
WWPDB D_1290044796 ?            ?                   
# 
loop_
_pdbx_audit_revision_history.ordinal 
_pdbx_audit_revision_history.data_content_type 
_pdbx_audit_revision_history.major_revision 
_pdbx_audit_revision_history.minor_revision 
_pdbx_audit_revision_history.revision_date 
1 'Structure model' 1 0 2011-08-10 
2 'Structure model' 1 1 2024-05-08 
# 
_pdbx_audit_revision_details.ordinal             1 
_pdbx_audit_revision_details.revision_ordinal    1 
_pdbx_audit_revision_details.data_content_type   'Structure model' 
_pdbx_audit_revision_details.provider            repository 
_pdbx_audit_revision_details.type                'Initial release' 
_pdbx_audit_revision_details.description         ? 
_pdbx_audit_revision_details.details             ? 
# 
loop_
_pdbx_audit_revision_group.ordinal 
_pdbx_audit_revision_group.revision_ordinal 
_pdbx_audit_revision_group.data_content_type 
_pdbx_audit_revision_group.group 
1 2 'Structure model' 'Data collection'      
2 2 'Structure model' 'Database references'  
3 2 'Structure model' 'Derived calculations' 
4 2 'Structure model' Other                  
# 
loop_
_pdbx_audit_revision_category.ordinal 
_pdbx_audit_revision_category.revision_ordinal 
_pdbx_audit_revision_category.data_content_type 
_pdbx_audit_revision_category.category 
1 2 'Structure model' chem_comp_atom       
2 2 'Structure model' chem_comp_bond       
3 2 'Structure model' database_2           
4 2 'Structure model' pdbx_database_status 
5 2 'Structure model' struct_site          
# 
loop_
_pdbx_audit_revision_item.ordinal 
_pdbx_audit_revision_item.revision_ordinal 
_pdbx_audit_revision_item.data_content_type 
_pdbx_audit_revision_item.item 
1 2 'Structure model' '_database_2.pdbx_DOI'                 
2 2 'Structure model' '_database_2.pdbx_database_accession'  
3 2 'Structure model' '_pdbx_database_status.status_code_sf' 
4 2 'Structure model' '_struct_site.pdbx_auth_asym_id'       
5 2 'Structure model' '_struct_site.pdbx_auth_comp_id'       
6 2 'Structure model' '_struct_site.pdbx_auth_seq_id'        
# 
_pdbx_database_status.status_code                     REL 
_pdbx_database_status.entry_id                        2XMF 
_pdbx_database_status.deposit_site                    PDBE 
_pdbx_database_status.process_site                    PDBE 
_pdbx_database_status.SG_entry                        . 
_pdbx_database_status.recvd_initial_deposition_date   2010-07-27 
_pdbx_database_status.pdb_format_compatible           Y 
_pdbx_database_status.status_code_sf                  REL 
_pdbx_database_status.status_code_mr                  ? 
_pdbx_database_status.status_code_cs                  ? 
_pdbx_database_status.methods_development_category    ? 
_pdbx_database_status.status_code_nmr_data            ? 
# 
loop_
_audit_author.name 
_audit_author.pdbx_ordinal 
'Edwards, T.' 1 
'Allsop, G.'  2 
'Peckham, M.' 3 
# 
_citation.id                        primary 
_citation.title                     'Myosin 1E SH3' 
_citation.journal_abbrev            'To be Published' 
_citation.journal_volume            ? 
_citation.page_first                ? 
_citation.page_last                 ? 
_citation.year                      ? 
_citation.journal_id_ASTM           ? 
_citation.country                   ? 
_citation.journal_id_ISSN           ? 
_citation.journal_id_CSD            0353 
_citation.book_publisher            ? 
_citation.pdbx_database_id_PubMed   ? 
_citation.pdbx_database_id_DOI      ? 
# 
loop_
_citation_author.citation_id 
_citation_author.name 
_citation_author.ordinal 
_citation_author.identifier_ORCID 
primary 'Allsop, G.'   1 ? 
primary 'Harris, S.A.' 2 ? 
primary 'Peckham, M.'  3 ? 
primary 'Edwards, T.'  4 ? 
# 
loop_
_entity.id 
_entity.type 
_entity.src_method 
_entity.pdbx_description 
_entity.formula_weight 
_entity.pdbx_number_of_molecules 
_entity.pdbx_ec 
_entity.pdbx_mutation 
_entity.pdbx_fragment 
_entity.details 
1 polymer     man 'MYOSIN 1E SH3'      6708.439 1  ? ? 'SH3 DOMAIN, RESIDUES 239-293' ? 
2 non-polymer syn 'OCTANE 1,8-DIAMINE' 144.258  1  ? ? ?                              ? 
3 water       nat water                18.015   86 ? ? ?                              ? 
# 
_entity_poly.entity_id                      1 
_entity_poly.type                           'polypeptide(L)' 
_entity_poly.nstd_linkage                   no 
_entity_poly.nstd_monomer                   no 
_entity_poly.pdbx_seq_one_letter_code       GPLGSPQCKALYAYDAQDTDELSFNANDIIDIIKEDPSGWWTGRLRGKQGLFPNNYVTKI 
_entity_poly.pdbx_seq_one_letter_code_can   GPLGSPQCKALYAYDAQDTDELSFNANDIIDIIKEDPSGWWTGRLRGKQGLFPNNYVTKI 
_entity_poly.pdbx_strand_id                 A 
_entity_poly.pdbx_target_identifier         ? 
# 
loop_
_pdbx_entity_nonpoly.entity_id 
_pdbx_entity_nonpoly.name 
_pdbx_entity_nonpoly.comp_id 
2 'OCTANE 1,8-DIAMINE' DIA 
3 water                HOH 
# 
loop_
_entity_poly_seq.entity_id 
_entity_poly_seq.num 
_entity_poly_seq.mon_id 
_entity_poly_seq.hetero 
1 1  GLY n 
1 2  PRO n 
1 3  LEU n 
1 4  GLY n 
1 5  SER n 
1 6  PRO n 
1 7  GLN n 
1 8  CYS n 
1 9  LYS n 
1 10 ALA n 
1 11 LEU n 
1 12 TYR n 
1 13 ALA n 
1 14 TYR n 
1 15 ASP n 
1 16 ALA n 
1 17 GLN n 
1 18 ASP n 
1 19 THR n 
1 20 ASP n 
1 21 GLU n 
1 22 LEU n 
1 23 SER n 
1 24 PHE n 
1 25 ASN n 
1 26 ALA n 
1 27 ASN n 
1 28 ASP n 
1 29 ILE n 
1 30 ILE n 
1 31 ASP n 
1 32 ILE n 
1 33 ILE n 
1 34 LYS n 
1 35 GLU n 
1 36 ASP n 
1 37 PRO n 
1 38 SER n 
1 39 GLY n 
1 40 TRP n 
1 41 TRP n 
1 42 THR n 
1 43 GLY n 
1 44 ARG n 
1 45 LEU n 
1 46 ARG n 
1 47 GLY n 
1 48 LYS n 
1 49 GLN n 
1 50 GLY n 
1 51 LEU n 
1 52 PHE n 
1 53 PRO n 
1 54 ASN n 
1 55 ASN n 
1 56 TYR n 
1 57 VAL n 
1 58 THR n 
1 59 LYS n 
1 60 ILE n 
# 
_entity_src_gen.entity_id                          1 
_entity_src_gen.pdbx_src_id                        1 
_entity_src_gen.pdbx_alt_source_flag               sample 
_entity_src_gen.pdbx_seq_type                      ? 
_entity_src_gen.pdbx_beg_seq_num                   ? 
_entity_src_gen.pdbx_end_seq_num                   ? 
_entity_src_gen.gene_src_common_name               'HOUSE MOUSE' 
_entity_src_gen.gene_src_genus                     ? 
_entity_src_gen.pdbx_gene_src_gene                 ? 
_entity_src_gen.gene_src_species                   ? 
_entity_src_gen.gene_src_strain                    ? 
_entity_src_gen.gene_src_tissue                    ? 
_entity_src_gen.gene_src_tissue_fraction           ? 
_entity_src_gen.gene_src_details                   ? 
_entity_src_gen.pdbx_gene_src_fragment             ? 
_entity_src_gen.pdbx_gene_src_scientific_name      'MUS MUSCULUS' 
_entity_src_gen.pdbx_gene_src_ncbi_taxonomy_id     10090 
_entity_src_gen.pdbx_gene_src_variant              ? 
_entity_src_gen.pdbx_gene_src_cell_line            ? 
_entity_src_gen.pdbx_gene_src_atcc                 ? 
_entity_src_gen.pdbx_gene_src_organ                ? 
_entity_src_gen.pdbx_gene_src_organelle            ? 
_entity_src_gen.pdbx_gene_src_cell                 ? 
_entity_src_gen.pdbx_gene_src_cellular_location    ? 
_entity_src_gen.host_org_common_name               ? 
_entity_src_gen.pdbx_host_org_scientific_name      'ESCHERICHIA COLI' 
_entity_src_gen.pdbx_host_org_ncbi_taxonomy_id     511693 
_entity_src_gen.host_org_genus                     ? 
_entity_src_gen.pdbx_host_org_gene                 ? 
_entity_src_gen.pdbx_host_org_organ                ? 
_entity_src_gen.host_org_species                   ? 
_entity_src_gen.pdbx_host_org_tissue               ? 
_entity_src_gen.pdbx_host_org_tissue_fraction      ? 
_entity_src_gen.pdbx_host_org_strain               BL21 
_entity_src_gen.pdbx_host_org_variant              ? 
_entity_src_gen.pdbx_host_org_cell_line            ? 
_entity_src_gen.pdbx_host_org_atcc                 ? 
_entity_src_gen.pdbx_host_org_culture_collection   ? 
_entity_src_gen.pdbx_host_org_cell                 ? 
_entity_src_gen.pdbx_host_org_organelle            ? 
_entity_src_gen.pdbx_host_org_cellular_location    ? 
_entity_src_gen.pdbx_host_org_vector_type          PLASMID 
_entity_src_gen.pdbx_host_org_vector               PGEX 
_entity_src_gen.host_org_details                   ? 
_entity_src_gen.expression_system_id               ? 
_entity_src_gen.plasmid_name                       ? 
_entity_src_gen.plasmid_details                    ? 
_entity_src_gen.pdbx_description                   ? 
# 
loop_
_chem_comp.id 
_chem_comp.type 
_chem_comp.mon_nstd_flag 
_chem_comp.name 
_chem_comp.pdbx_synonyms 
_chem_comp.formula 
_chem_comp.formula_weight 
ALA 'L-peptide linking' y ALANINE              ?                                                            'C3 H7 N O2'     
89.093  
ARG 'L-peptide linking' y ARGININE             ?                                                            'C6 H15 N4 O2 1' 
175.209 
ASN 'L-peptide linking' y ASPARAGINE           ?                                                            'C4 H8 N2 O3'    
132.118 
ASP 'L-peptide linking' y 'ASPARTIC ACID'      ?                                                            'C4 H7 N O4'     
133.103 
CYS 'L-peptide linking' y CYSTEINE             ?                                                            'C3 H7 N O2 S'   
121.158 
DIA non-polymer         . 'OCTANE 1,8-DIAMINE' '1,8-DIAMINOOCTANE; OCTAMETHYLENEDIAMINE; 1,8-OCTANEDIAMINE' 'C8 H20 N2'      
144.258 
GLN 'L-peptide linking' y GLUTAMINE            ?                                                            'C5 H10 N2 O3'   
146.144 
GLU 'L-peptide linking' y 'GLUTAMIC ACID'      ?                                                            'C5 H9 N O4'     
147.129 
GLY 'peptide linking'   y GLYCINE              ?                                                            'C2 H5 N O2'     
75.067  
HOH non-polymer         . WATER                ?                                                            'H2 O'           
18.015  
ILE 'L-peptide linking' y ISOLEUCINE           ?                                                            'C6 H13 N O2'    
131.173 
LEU 'L-peptide linking' y LEUCINE              ?                                                            'C6 H13 N O2'    
131.173 
LYS 'L-peptide linking' y LYSINE               ?                                                            'C6 H15 N2 O2 1' 
147.195 
PHE 'L-peptide linking' y PHENYLALANINE        ?                                                            'C9 H11 N O2'    
165.189 
PRO 'L-peptide linking' y PROLINE              ?                                                            'C5 H9 N O2'     
115.130 
SER 'L-peptide linking' y SERINE               ?                                                            'C3 H7 N O3'     
105.093 
THR 'L-peptide linking' y THREONINE            ?                                                            'C4 H9 N O3'     
119.119 
TRP 'L-peptide linking' y TRYPTOPHAN           ?                                                            'C11 H12 N2 O2'  
204.225 
TYR 'L-peptide linking' y TYROSINE             ?                                                            'C9 H11 N O3'    
181.189 
VAL 'L-peptide linking' y VALINE               ?                                                            'C5 H11 N O2'    
117.146 
# 
loop_
_pdbx_poly_seq_scheme.asym_id 
_pdbx_poly_seq_scheme.entity_id 
_pdbx_poly_seq_scheme.seq_id 
_pdbx_poly_seq_scheme.mon_id 
_pdbx_poly_seq_scheme.ndb_seq_num 
_pdbx_poly_seq_scheme.pdb_seq_num 
_pdbx_poly_seq_scheme.auth_seq_num 
_pdbx_poly_seq_scheme.pdb_mon_id 
_pdbx_poly_seq_scheme.auth_mon_id 
_pdbx_poly_seq_scheme.pdb_strand_id 
_pdbx_poly_seq_scheme.pdb_ins_code 
_pdbx_poly_seq_scheme.hetero 
A 1 1  GLY 1  -5 -5 GLY GLY A . n 
A 1 2  PRO 2  -4 -4 PRO PRO A . n 
A 1 3  LEU 3  -3 -3 LEU LEU A . n 
A 1 4  GLY 4  -2 -2 GLY GLY A . n 
A 1 5  SER 5  -1 -1 SER SER A . n 
A 1 6  PRO 6  0  0  PRO PRO A . n 
A 1 7  GLN 7  1  1  GLN GLN A . n 
A 1 8  CYS 8  2  2  CYS CYS A . n 
A 1 9  LYS 9  3  3  LYS LYS A . n 
A 1 10 ALA 10 4  4  ALA ALA A . n 
A 1 11 LEU 11 5  5  LEU LEU A . n 
A 1 12 TYR 12 6  6  TYR TYR A . n 
A 1 13 ALA 13 7  7  ALA ALA A . n 
A 1 14 TYR 14 8  8  TYR TYR A . n 
A 1 15 ASP 15 9  9  ASP ASP A . n 
A 1 16 ALA 16 10 10 ALA ALA A . n 
A 1 17 GLN 17 11 11 GLN GLN A . n 
A 1 18 ASP 18 12 12 ASP ASP A . n 
A 1 19 THR 19 13 13 THR THR A . n 
A 1 20 ASP 20 14 14 ASP ASP A . n 
A 1 21 GLU 21 15 15 GLU GLU A . n 
A 1 22 LEU 22 16 16 LEU LEU A . n 
A 1 23 SER 23 17 17 SER SER A . n 
A 1 24 PHE 24 18 18 PHE PHE A . n 
A 1 25 ASN 25 19 19 ASN ASN A . n 
A 1 26 ALA 26 20 20 ALA ALA A . n 
A 1 27 ASN 27 21 21 ASN ASN A . n 
A 1 28 ASP 28 22 22 ASP ASP A . n 
A 1 29 ILE 29 23 23 ILE ILE A . n 
A 1 30 ILE 30 24 24 ILE ILE A . n 
A 1 31 ASP 31 25 25 ASP ASP A . n 
A 1 32 ILE 32 26 26 ILE ILE A . n 
A 1 33 ILE 33 27 27 ILE ILE A . n 
A 1 34 LYS 34 28 28 LYS LYS A . n 
A 1 35 GLU 35 29 29 GLU GLU A . n 
A 1 36 ASP 36 30 30 ASP ASP A . n 
A 1 37 PRO 37 31 31 PRO PRO A . n 
A 1 38 SER 38 32 32 SER SER A . n 
A 1 39 GLY 39 33 33 GLY GLY A . n 
A 1 40 TRP 40 34 34 TRP TRP A . n 
A 1 41 TRP 41 35 35 TRP TRP A . n 
A 1 42 THR 42 36 36 THR THR A . n 
A 1 43 GLY 43 37 37 GLY GLY A . n 
A 1 44 ARG 44 38 38 ARG ARG A . n 
A 1 45 LEU 45 39 39 LEU LEU A . n 
A 1 46 ARG 46 40 40 ARG ARG A . n 
A 1 47 GLY 47 41 41 GLY GLY A . n 
A 1 48 LYS 48 42 42 LYS LYS A . n 
A 1 49 GLN 49 43 43 GLN GLN A . n 
A 1 50 GLY 50 44 44 GLY GLY A . n 
A 1 51 LEU 51 45 45 LEU LEU A . n 
A 1 52 PHE 52 46 46 PHE PHE A . n 
A 1 53 PRO 53 47 47 PRO PRO A . n 
A 1 54 ASN 54 48 48 ASN ASN A . n 
A 1 55 ASN 55 49 49 ASN ASN A . n 
A 1 56 TYR 56 50 50 TYR TYR A . n 
A 1 57 VAL 57 51 51 VAL VAL A . n 
A 1 58 THR 58 52 52 THR THR A . n 
A 1 59 LYS 59 53 53 LYS LYS A . n 
A 1 60 ILE 60 54 54 ILE ILE A . n 
# 
loop_
_pdbx_nonpoly_scheme.asym_id 
_pdbx_nonpoly_scheme.entity_id 
_pdbx_nonpoly_scheme.mon_id 
_pdbx_nonpoly_scheme.ndb_seq_num 
_pdbx_nonpoly_scheme.pdb_seq_num 
_pdbx_nonpoly_scheme.auth_seq_num 
_pdbx_nonpoly_scheme.pdb_mon_id 
_pdbx_nonpoly_scheme.auth_mon_id 
_pdbx_nonpoly_scheme.pdb_strand_id 
_pdbx_nonpoly_scheme.pdb_ins_code 
B 2 DIA 1  1055 1055 DIA DIA A . 
C 3 HOH 1  2001 2001 HOH HOH A . 
C 3 HOH 2  2002 2002 HOH HOH A . 
C 3 HOH 3  2003 2003 HOH HOH A . 
C 3 HOH 4  2004 2004 HOH HOH A . 
C 3 HOH 5  2005 2005 HOH HOH A . 
C 3 HOH 6  2006 2006 HOH HOH A . 
C 3 HOH 7  2007 2007 HOH HOH A . 
C 3 HOH 8  2008 2008 HOH HOH A . 
C 3 HOH 9  2009 2009 HOH HOH A . 
C 3 HOH 10 2010 2010 HOH HOH A . 
C 3 HOH 11 2011 2011 HOH HOH A . 
C 3 HOH 12 2012 2012 HOH HOH A . 
C 3 HOH 13 2013 2013 HOH HOH A . 
C 3 HOH 14 2014 2014 HOH HOH A . 
C 3 HOH 15 2015 2015 HOH HOH A . 
C 3 HOH 16 2016 2016 HOH HOH A . 
C 3 HOH 17 2017 2017 HOH HOH A . 
C 3 HOH 18 2018 2018 HOH HOH A . 
C 3 HOH 19 2019 2019 HOH HOH A . 
C 3 HOH 20 2020 2020 HOH HOH A . 
C 3 HOH 21 2021 2021 HOH HOH A . 
C 3 HOH 22 2022 2022 HOH HOH A . 
C 3 HOH 23 2023 2023 HOH HOH A . 
C 3 HOH 24 2024 2024 HOH HOH A . 
C 3 HOH 25 2025 2025 HOH HOH A . 
C 3 HOH 26 2026 2026 HOH HOH A . 
C 3 HOH 27 2027 2027 HOH HOH A . 
C 3 HOH 28 2028 2028 HOH HOH A . 
C 3 HOH 29 2029 2029 HOH HOH A . 
C 3 HOH 30 2030 2030 HOH HOH A . 
C 3 HOH 31 2031 2031 HOH HOH A . 
C 3 HOH 32 2032 2032 HOH HOH A . 
C 3 HOH 33 2033 2033 HOH HOH A . 
C 3 HOH 34 2034 2034 HOH HOH A . 
C 3 HOH 35 2035 2035 HOH HOH A . 
C 3 HOH 36 2036 2036 HOH HOH A . 
C 3 HOH 37 2037 2037 HOH HOH A . 
C 3 HOH 38 2038 2038 HOH HOH A . 
C 3 HOH 39 2039 2039 HOH HOH A . 
C 3 HOH 40 2040 2040 HOH HOH A . 
C 3 HOH 41 2041 2041 HOH HOH A . 
C 3 HOH 42 2042 2042 HOH HOH A . 
C 3 HOH 43 2043 2043 HOH HOH A . 
C 3 HOH 44 2044 2044 HOH HOH A . 
C 3 HOH 45 2045 2045 HOH HOH A . 
C 3 HOH 46 2046 2046 HOH HOH A . 
C 3 HOH 47 2047 2047 HOH HOH A . 
C 3 HOH 48 2048 2048 HOH HOH A . 
C 3 HOH 49 2049 2049 HOH HOH A . 
C 3 HOH 50 2050 2050 HOH HOH A . 
C 3 HOH 51 2051 2051 HOH HOH A . 
C 3 HOH 52 2052 2052 HOH HOH A . 
C 3 HOH 53 2053 2053 HOH HOH A . 
C 3 HOH 54 2054 2054 HOH HOH A . 
C 3 HOH 55 2055 2055 HOH HOH A . 
C 3 HOH 56 2056 2056 HOH HOH A . 
C 3 HOH 57 2057 2057 HOH HOH A . 
C 3 HOH 58 2058 2058 HOH HOH A . 
C 3 HOH 59 2059 2059 HOH HOH A . 
C 3 HOH 60 2060 2060 HOH HOH A . 
C 3 HOH 61 2061 2061 HOH HOH A . 
C 3 HOH 62 2062 2062 HOH HOH A . 
C 3 HOH 63 2063 2063 HOH HOH A . 
C 3 HOH 64 2064 2064 HOH HOH A . 
C 3 HOH 65 2065 2065 HOH HOH A . 
C 3 HOH 66 2066 2066 HOH HOH A . 
C 3 HOH 67 2067 2067 HOH HOH A . 
C 3 HOH 68 2068 2068 HOH HOH A . 
C 3 HOH 69 2069 2069 HOH HOH A . 
C 3 HOH 70 2070 2070 HOH HOH A . 
C 3 HOH 71 2071 2071 HOH HOH A . 
C 3 HOH 72 2072 2072 HOH HOH A . 
C 3 HOH 73 2073 2073 HOH HOH A . 
C 3 HOH 74 2074 2074 HOH HOH A . 
C 3 HOH 75 2075 2075 HOH HOH A . 
C 3 HOH 76 2076 2076 HOH HOH A . 
C 3 HOH 77 2077 2077 HOH HOH A . 
C 3 HOH 78 2078 2078 HOH HOH A . 
C 3 HOH 79 2079 2079 HOH HOH A . 
C 3 HOH 80 2080 2080 HOH HOH A . 
C 3 HOH 81 2081 2081 HOH HOH A . 
C 3 HOH 82 2082 2082 HOH HOH A . 
C 3 HOH 83 2083 2083 HOH HOH A . 
C 3 HOH 84 2084 2084 HOH HOH A . 
C 3 HOH 85 2085 2085 HOH HOH A . 
C 3 HOH 86 2086 2086 HOH HOH A . 
# 
_software.name             REFMAC 
_software.classification   refinement 
_software.version          5.2.0019 
_software.citation_id      ? 
_software.pdbx_ordinal     1 
# 
_cell.entry_id           2XMF 
_cell.length_a           43.562 
_cell.length_b           55.560 
_cell.length_c           42.176 
_cell.angle_alpha        90.00 
_cell.angle_beta         90.00 
_cell.angle_gamma        90.00 
_cell.Z_PDB              8 
_cell.pdbx_unique_axis   ? 
# 
_symmetry.entry_id                         2XMF 
_symmetry.space_group_name_H-M             'C 2 2 21' 
_symmetry.pdbx_full_space_group_name_H-M   ? 
_symmetry.cell_setting                     ? 
_symmetry.Int_Tables_number                20 
# 
_exptl.entry_id          2XMF 
_exptl.method            'X-RAY DIFFRACTION' 
_exptl.crystals_number   1 
# 
_exptl_crystal.id                    1 
_exptl_crystal.density_meas          ? 
_exptl_crystal.density_Matthews      2.1 
_exptl_crystal.density_percent_sol   42 
_exptl_crystal.description           NONE 
# 
_exptl_crystal_grow.crystal_id      1 
_exptl_crystal_grow.method          ? 
_exptl_crystal_grow.temp            ? 
_exptl_crystal_grow.temp_details    ? 
_exptl_crystal_grow.pH              ? 
_exptl_crystal_grow.pdbx_pH_range   ? 
_exptl_crystal_grow.pdbx_details    '2.75 M AMPO4 PH 5.0, 5% DIAMINOOCTANE' 
# 
_diffrn.id                     1 
_diffrn.ambient_temp           100 
_diffrn.ambient_temp_details   ? 
_diffrn.crystal_id             1 
# 
_diffrn_detector.diffrn_id              1 
_diffrn_detector.detector               CCD 
_diffrn_detector.type                   'ADSC CCD' 
_diffrn_detector.pdbx_collection_date   2007-10-13 
_diffrn_detector.details                ? 
# 
_diffrn_radiation.diffrn_id                        1 
_diffrn_radiation.wavelength_id                    1 
_diffrn_radiation.pdbx_monochromatic_or_laue_m_l   M 
_diffrn_radiation.monochromator                    ? 
_diffrn_radiation.pdbx_diffrn_protocol             'SINGLE WAVELENGTH' 
_diffrn_radiation.pdbx_scattering_type             x-ray 
# 
_diffrn_radiation_wavelength.id           1 
_diffrn_radiation_wavelength.wavelength   1 
_diffrn_radiation_wavelength.wt           1.0 
# 
_diffrn_source.diffrn_id                   1 
_diffrn_source.source                      SYNCHROTRON 
_diffrn_source.type                        'DIAMOND BEAMLINE I03' 
_diffrn_source.pdbx_synchrotron_site       Diamond 
_diffrn_source.pdbx_synchrotron_beamline   I03 
_diffrn_source.pdbx_wavelength             1 
_diffrn_source.pdbx_wavelength_list        ? 
# 
_reflns.pdbx_diffrn_id               1 
_reflns.pdbx_ordinal                 1 
_reflns.entry_id                     2XMF 
_reflns.observed_criterion_sigma_I   1.0 
_reflns.observed_criterion_sigma_F   ? 
_reflns.d_resolution_low             35.00 
_reflns.d_resolution_high            1.50 
_reflns.number_obs                   7445 
_reflns.number_all                   ? 
_reflns.percent_possible_obs         91.6 
_reflns.pdbx_Rmerge_I_obs            0.09 
_reflns.pdbx_Rsym_value              ? 
_reflns.pdbx_netI_over_sigmaI        14.50 
_reflns.B_iso_Wilson_estimate        ? 
_reflns.pdbx_redundancy              4.8 
# 
_refine.pdbx_refine_id                           'X-RAY DIFFRACTION' 
_refine.entry_id                                 2XMF 
_refine.pdbx_diffrn_id                           1 
_refine.pdbx_TLS_residual_ADP_flag               ? 
_refine.ls_number_reflns_obs                     7445 
_refine.ls_number_reflns_all                     ? 
_refine.pdbx_ls_sigma_I                          ? 
_refine.pdbx_ls_sigma_F                          . 
_refine.pdbx_data_cutoff_high_absF               ? 
_refine.pdbx_data_cutoff_low_absF                ? 
_refine.pdbx_data_cutoff_high_rms_absF           ? 
_refine.ls_d_res_low                             34.28 
_refine.ls_d_res_high                            1.50 
_refine.ls_percent_reflns_obs                    90.99 
_refine.ls_R_factor_obs                          0.17565 
_refine.ls_R_factor_all                          ? 
_refine.ls_R_factor_R_work                       0.17383 
_refine.ls_R_factor_R_free                       0.22756 
_refine.ls_R_factor_R_free_error                 ? 
_refine.ls_R_factor_R_free_error_details         ? 
_refine.ls_percent_reflns_R_free                 3.8 
_refine.ls_number_reflns_R_free                  292 
_refine.ls_number_parameters                     ? 
_refine.ls_number_restraints                     ? 
_refine.occupancy_min                            ? 
_refine.occupancy_max                            ? 
_refine.correlation_coeff_Fo_to_Fc               0.965 
_refine.correlation_coeff_Fo_to_Fc_free          0.932 
_refine.B_iso_mean                               15.851 
_refine.aniso_B[1][1]                            -1.01 
_refine.aniso_B[2][2]                            1.38 
_refine.aniso_B[3][3]                            -0.37 
_refine.aniso_B[1][2]                            0.00 
_refine.aniso_B[1][3]                            0.00 
_refine.aniso_B[2][3]                            0.00 
_refine.solvent_model_details                    MASK 
_refine.solvent_model_param_ksol                 ? 
_refine.solvent_model_param_bsol                 ? 
_refine.pdbx_solvent_vdw_probe_radii             1.20 
_refine.pdbx_solvent_ion_probe_radii             0.80 
_refine.pdbx_solvent_shrinkage_radii             0.80 
_refine.pdbx_ls_cross_valid_method               THROUGHOUT 
_refine.details                                  'HYDROGENS HAVE BEEN ADDED IN THE RIDING POSITIONS.' 
_refine.pdbx_starting_model                      ? 
_refine.pdbx_method_to_determine_struct          'MOLECULAR REPLACEMENT' 
_refine.pdbx_isotropic_thermal_model             ? 
_refine.pdbx_stereochemistry_target_values       'MAXIMUM LIKELIHOOD' 
_refine.pdbx_stereochem_target_val_spec_case     ? 
_refine.pdbx_R_Free_selection_details            RANDOM 
_refine.pdbx_overall_ESU_R                       0.091 
_refine.pdbx_overall_ESU_R_Free                  0.099 
_refine.overall_SU_ML                            0.059 
_refine.pdbx_overall_phase_error                 ? 
_refine.overall_SU_B                             1.637 
_refine.overall_SU_R_Cruickshank_DPI             ? 
_refine.pdbx_overall_SU_R_free_Cruickshank_DPI   ? 
_refine.pdbx_overall_SU_R_Blow_DPI               ? 
_refine.pdbx_overall_SU_R_free_Blow_DPI          ? 
# 
_refine_hist.pdbx_refine_id                   'X-RAY DIFFRACTION' 
_refine_hist.cycle_id                         LAST 
_refine_hist.pdbx_number_atoms_protein        474 
_refine_hist.pdbx_number_atoms_nucleic_acid   0 
_refine_hist.pdbx_number_atoms_ligand         10 
_refine_hist.number_atoms_solvent             86 
_refine_hist.number_atoms_total               570 
_refine_hist.d_res_high                       1.50 
_refine_hist.d_res_low                        34.28 
# 
loop_
_refine_ls_restr.type 
_refine_ls_restr.dev_ideal 
_refine_ls_restr.dev_ideal_target 
_refine_ls_restr.weight 
_refine_ls_restr.number 
_refine_ls_restr.pdbx_refine_id 
_refine_ls_restr.pdbx_restraint_function 
r_bond_refined_d             0.009  0.022  ? 495 'X-RAY DIFFRACTION' ? 
r_bond_other_d               ?      ?      ? ?   'X-RAY DIFFRACTION' ? 
r_angle_refined_deg          1.139  1.969  ? 669 'X-RAY DIFFRACTION' ? 
r_angle_other_deg            ?      ?      ? ?   'X-RAY DIFFRACTION' ? 
r_dihedral_angle_1_deg       4.984  5.000  ? 59  'X-RAY DIFFRACTION' ? 
r_dihedral_angle_2_deg       40.687 25.417 ? 24  'X-RAY DIFFRACTION' ? 
r_dihedral_angle_3_deg       12.804 15.000 ? 77  'X-RAY DIFFRACTION' ? 
r_dihedral_angle_4_deg       17.231 15.000 ? 2   'X-RAY DIFFRACTION' ? 
r_chiral_restr               0.074  0.200  ? 68  'X-RAY DIFFRACTION' ? 
r_gen_planes_refined         0.004  0.020  ? 384 'X-RAY DIFFRACTION' ? 
r_gen_planes_other           ?      ?      ? ?   'X-RAY DIFFRACTION' ? 
r_nbd_refined                0.207  0.200  ? 219 'X-RAY DIFFRACTION' ? 
r_nbd_other                  ?      ?      ? ?   'X-RAY DIFFRACTION' ? 
r_nbtor_refined              0.316  0.200  ? 341 'X-RAY DIFFRACTION' ? 
r_nbtor_other                ?      ?      ? ?   'X-RAY DIFFRACTION' ? 
r_xyhbond_nbd_refined        0.136  0.200  ? 81  'X-RAY DIFFRACTION' ? 
r_xyhbond_nbd_other          ?      ?      ? ?   'X-RAY DIFFRACTION' ? 
r_metal_ion_refined          ?      ?      ? ?   'X-RAY DIFFRACTION' ? 
r_metal_ion_other            ?      ?      ? ?   'X-RAY DIFFRACTION' ? 
r_symmetry_vdw_refined       0.214  0.200  ? 41  'X-RAY DIFFRACTION' ? 
r_symmetry_vdw_other         ?      ?      ? ?   'X-RAY DIFFRACTION' ? 
r_symmetry_hbond_refined     0.149  0.200  ? 27  'X-RAY DIFFRACTION' ? 
r_symmetry_hbond_other       ?      ?      ? ?   'X-RAY DIFFRACTION' ? 
r_symmetry_metal_ion_refined ?      ?      ? ?   'X-RAY DIFFRACTION' ? 
r_symmetry_metal_ion_other   ?      ?      ? ?   'X-RAY DIFFRACTION' ? 
r_mcbond_it                  0.664  1.500  ? 306 'X-RAY DIFFRACTION' ? 
r_mcbond_other               ?      ?      ? ?   'X-RAY DIFFRACTION' ? 
r_mcangle_it                 1.181  2.000  ? 478 'X-RAY DIFFRACTION' ? 
r_mcangle_other              ?      ?      ? ?   'X-RAY DIFFRACTION' ? 
r_scbond_it                  2.117  3.000  ? 222 'X-RAY DIFFRACTION' ? 
r_scbond_other               ?      ?      ? ?   'X-RAY DIFFRACTION' ? 
r_scangle_it                 3.203  4.500  ? 191 'X-RAY DIFFRACTION' ? 
r_scangle_other              ?      ?      ? ?   'X-RAY DIFFRACTION' ? 
r_long_range_B_refined       ?      ?      ? ?   'X-RAY DIFFRACTION' ? 
r_long_range_B_other         ?      ?      ? ?   'X-RAY DIFFRACTION' ? 
r_rigid_bond_restr           ?      ?      ? ?   'X-RAY DIFFRACTION' ? 
r_sphericity_free            ?      ?      ? ?   'X-RAY DIFFRACTION' ? 
r_sphericity_bonded          ?      ?      ? ?   'X-RAY DIFFRACTION' ? 
# 
_refine_ls_shell.pdbx_refine_id                   'X-RAY DIFFRACTION' 
_refine_ls_shell.pdbx_total_number_of_bins_used   20 
_refine_ls_shell.d_res_high                       1.500 
_refine_ls_shell.d_res_low                        1.539 
_refine_ls_shell.number_reflns_R_work             299 
_refine_ls_shell.R_factor_R_work                  0.336 
_refine_ls_shell.percent_reflns_obs               49.36 
_refine_ls_shell.R_factor_R_free                  0.504 
_refine_ls_shell.R_factor_R_free_error            ? 
_refine_ls_shell.percent_reflns_R_free            ? 
_refine_ls_shell.number_reflns_R_free             9 
_refine_ls_shell.number_reflns_all                ? 
_refine_ls_shell.R_factor_all                     ? 
# 
_struct.entry_id                  2XMF 
_struct.title                     'Myosin 1e SH3' 
_struct.pdbx_model_details        ? 
_struct.pdbx_CASP_flag            ? 
_struct.pdbx_model_type_details   ? 
# 
_struct_keywords.entry_id        2XMF 
_struct_keywords.pdbx_keywords   'MOTOR PROTEIN' 
_struct_keywords.text            'MOTOR PROTEIN, SH3 DOMAIN' 
# 
loop_
_struct_asym.id 
_struct_asym.pdbx_blank_PDB_chainid_flag 
_struct_asym.pdbx_modified 
_struct_asym.entity_id 
_struct_asym.details 
A N N 1 ? 
B N N 2 ? 
C N N 3 ? 
# 
_struct_ref.id                         1 
_struct_ref.db_name                    UNP 
_struct_ref.db_code                    Q3TLJ4_MOUSE 
_struct_ref.entity_id                  1 
_struct_ref.pdbx_seq_one_letter_code   ? 
_struct_ref.pdbx_align_begin           ? 
_struct_ref.pdbx_db_accession          Q3TLJ4 
_struct_ref.pdbx_db_isoform            ? 
# 
_struct_ref_seq.align_id                      1 
_struct_ref_seq.ref_id                        1 
_struct_ref_seq.pdbx_PDB_id_code              2XMF 
_struct_ref_seq.pdbx_strand_id                A 
_struct_ref_seq.seq_align_beg                 6 
_struct_ref_seq.pdbx_seq_align_beg_ins_code   ? 
_struct_ref_seq.seq_align_end                 60 
_struct_ref_seq.pdbx_seq_align_end_ins_code   ? 
_struct_ref_seq.pdbx_db_accession             Q3TLJ4 
_struct_ref_seq.db_align_beg                  239 
_struct_ref_seq.pdbx_db_align_beg_ins_code    ? 
_struct_ref_seq.db_align_end                  293 
_struct_ref_seq.pdbx_db_align_end_ins_code    ? 
_struct_ref_seq.pdbx_auth_seq_align_beg       0 
_struct_ref_seq.pdbx_auth_seq_align_end       54 
# 
loop_
_struct_ref_seq_dif.align_id 
_struct_ref_seq_dif.pdbx_pdb_id_code 
_struct_ref_seq_dif.mon_id 
_struct_ref_seq_dif.pdbx_pdb_strand_id 
_struct_ref_seq_dif.seq_num 
_struct_ref_seq_dif.pdbx_pdb_ins_code 
_struct_ref_seq_dif.pdbx_seq_db_name 
_struct_ref_seq_dif.pdbx_seq_db_accession_code 
_struct_ref_seq_dif.db_mon_id 
_struct_ref_seq_dif.pdbx_seq_db_seq_num 
_struct_ref_seq_dif.details 
_struct_ref_seq_dif.pdbx_auth_seq_num 
_struct_ref_seq_dif.pdbx_ordinal 
1 2XMF GLY A 1 ? UNP Q3TLJ4 ? ? 'expression tag' -5 1 
1 2XMF PRO A 2 ? UNP Q3TLJ4 ? ? 'expression tag' -4 2 
1 2XMF LEU A 3 ? UNP Q3TLJ4 ? ? 'expression tag' -3 3 
1 2XMF GLY A 4 ? UNP Q3TLJ4 ? ? 'expression tag' -2 4 
1 2XMF SER A 5 ? UNP Q3TLJ4 ? ? 'expression tag' -1 5 
# 
_pdbx_struct_assembly.id                   1 
_pdbx_struct_assembly.details              author_and_software_defined_assembly 
_pdbx_struct_assembly.method_details       PISA 
_pdbx_struct_assembly.oligomeric_details   monomeric 
_pdbx_struct_assembly.oligomeric_count     1 
# 
_pdbx_struct_assembly_gen.assembly_id       1 
_pdbx_struct_assembly_gen.oper_expression   1 
_pdbx_struct_assembly_gen.asym_id_list      A,B,C 
# 
_pdbx_struct_oper_list.id                   1 
_pdbx_struct_oper_list.type                 'identity operation' 
_pdbx_struct_oper_list.name                 1_555 
_pdbx_struct_oper_list.symmetry_operation   x,y,z 
_pdbx_struct_oper_list.matrix[1][1]         1.0000000000 
_pdbx_struct_oper_list.matrix[1][2]         0.0000000000 
_pdbx_struct_oper_list.matrix[1][3]         0.0000000000 
_pdbx_struct_oper_list.vector[1]            0.0000000000 
_pdbx_struct_oper_list.matrix[2][1]         0.0000000000 
_pdbx_struct_oper_list.matrix[2][2]         1.0000000000 
_pdbx_struct_oper_list.matrix[2][3]         0.0000000000 
_pdbx_struct_oper_list.vector[2]            0.0000000000 
_pdbx_struct_oper_list.matrix[3][1]         0.0000000000 
_pdbx_struct_oper_list.matrix[3][2]         0.0000000000 
_pdbx_struct_oper_list.matrix[3][3]         1.0000000000 
_pdbx_struct_oper_list.vector[3]            0.0000000000 
# 
_struct_biol.id   1 
# 
_struct_sheet.id               AA 
_struct_sheet.type             ? 
_struct_sheet.number_strands   5 
_struct_sheet.details          ? 
# 
loop_
_struct_sheet_order.sheet_id 
_struct_sheet_order.range_id_1 
_struct_sheet_order.range_id_2 
_struct_sheet_order.offset 
_struct_sheet_order.sense 
AA 1 2 ? anti-parallel 
AA 2 3 ? anti-parallel 
AA 3 4 ? anti-parallel 
AA 4 5 ? anti-parallel 
# 
loop_
_struct_sheet_range.sheet_id 
_struct_sheet_range.id 
_struct_sheet_range.beg_label_comp_id 
_struct_sheet_range.beg_label_asym_id 
_struct_sheet_range.beg_label_seq_id 
_struct_sheet_range.pdbx_beg_PDB_ins_code 
_struct_sheet_range.end_label_comp_id 
_struct_sheet_range.end_label_asym_id 
_struct_sheet_range.end_label_seq_id 
_struct_sheet_range.pdbx_end_PDB_ins_code 
_struct_sheet_range.beg_auth_comp_id 
_struct_sheet_range.beg_auth_asym_id 
_struct_sheet_range.beg_auth_seq_id 
_struct_sheet_range.end_auth_comp_id 
_struct_sheet_range.end_auth_asym_id 
_struct_sheet_range.end_auth_seq_id 
AA 1 LYS A 48 ? PRO A 53 ? LYS A 42 PRO A 47 
AA 2 TRP A 40 ? LEU A 45 ? TRP A 34 LEU A 39 
AA 3 ILE A 29 ? GLU A 35 ? ILE A 23 GLU A 29 
AA 4 GLN A 7  ? ALA A 10 ? GLN A 1  ALA A 4  
AA 5 VAL A 57 ? LYS A 59 ? VAL A 51 LYS A 53 
# 
loop_
_pdbx_struct_sheet_hbond.sheet_id 
_pdbx_struct_sheet_hbond.range_id_1 
_pdbx_struct_sheet_hbond.range_id_2 
_pdbx_struct_sheet_hbond.range_1_label_atom_id 
_pdbx_struct_sheet_hbond.range_1_label_comp_id 
_pdbx_struct_sheet_hbond.range_1_label_asym_id 
_pdbx_struct_sheet_hbond.range_1_label_seq_id 
_pdbx_struct_sheet_hbond.range_1_PDB_ins_code 
_pdbx_struct_sheet_hbond.range_1_auth_atom_id 
_pdbx_struct_sheet_hbond.range_1_auth_comp_id 
_pdbx_struct_sheet_hbond.range_1_auth_asym_id 
_pdbx_struct_sheet_hbond.range_1_auth_seq_id 
_pdbx_struct_sheet_hbond.range_2_label_atom_id 
_pdbx_struct_sheet_hbond.range_2_label_comp_id 
_pdbx_struct_sheet_hbond.range_2_label_asym_id 
_pdbx_struct_sheet_hbond.range_2_label_seq_id 
_pdbx_struct_sheet_hbond.range_2_PDB_ins_code 
_pdbx_struct_sheet_hbond.range_2_auth_atom_id 
_pdbx_struct_sheet_hbond.range_2_auth_comp_id 
_pdbx_struct_sheet_hbond.range_2_auth_asym_id 
_pdbx_struct_sheet_hbond.range_2_auth_seq_id 
AA 1 2 N PHE A 52 ? N PHE A 46 O TRP A 41 ? O TRP A 35 
AA 2 3 N ARG A 44 ? N ARG A 38 O ASP A 31 ? O ASP A 25 
AA 3 4 N ILE A 30 ? N ILE A 24 O CYS A 8  ? O CYS A 2  
AA 4 5 N LYS A 9  ? N LYS A 3  O THR A 58 ? O THR A 52 
# 
_struct_site.id                   AC1 
_struct_site.pdbx_evidence_code   Software 
_struct_site.pdbx_auth_asym_id    A 
_struct_site.pdbx_auth_comp_id    DIA 
_struct_site.pdbx_auth_seq_id     1055 
_struct_site.pdbx_auth_ins_code   ? 
_struct_site.pdbx_num_residues    10 
_struct_site.details              'BINDING SITE FOR RESIDUE DIA A 1055' 
# 
loop_
_struct_site_gen.id 
_struct_site_gen.site_id 
_struct_site_gen.pdbx_num_res 
_struct_site_gen.label_comp_id 
_struct_site_gen.label_asym_id 
_struct_site_gen.label_seq_id 
_struct_site_gen.pdbx_auth_ins_code 
_struct_site_gen.auth_comp_id 
_struct_site_gen.auth_asym_id 
_struct_site_gen.auth_seq_id 
_struct_site_gen.label_atom_id 
_struct_site_gen.label_alt_id 
_struct_site_gen.symmetry 
_struct_site_gen.details 
1  AC1 10 ASP A 18 ? ASP A 12   . ? 1_555 ? 
2  AC1 10 ASP A 20 ? ASP A 14   . ? 1_555 ? 
3  AC1 10 ASP A 20 ? ASP A 14   . ? 4_565 ? 
4  AC1 10 GLU A 21 ? GLU A 15   . ? 1_555 ? 
5  AC1 10 GLU A 21 ? GLU A 15   . ? 4_565 ? 
6  AC1 10 TRP A 40 ? TRP A 34   . ? 4_565 ? 
7  AC1 10 TRP A 40 ? TRP A 34   . ? 1_555 ? 
8  AC1 10 LEU A 51 ? LEU A 45   . ? 1_555 ? 
9  AC1 10 HOH C .  ? HOH A 2030 . ? 4_565 ? 
10 AC1 10 HOH C .  ? HOH A 2030 . ? 1_555 ? 
# 
_pdbx_validate_torsion.id              1 
_pdbx_validate_torsion.PDB_model_num   1 
_pdbx_validate_torsion.auth_comp_id    ASN 
_pdbx_validate_torsion.auth_asym_id    A 
_pdbx_validate_torsion.auth_seq_id     21 
_pdbx_validate_torsion.PDB_ins_code    ? 
_pdbx_validate_torsion.label_alt_id    ? 
_pdbx_validate_torsion.phi             78.17 
_pdbx_validate_torsion.psi             -2.59 
# 
loop_
_pdbx_struct_special_symmetry.id 
_pdbx_struct_special_symmetry.PDB_model_num 
_pdbx_struct_special_symmetry.auth_asym_id 
_pdbx_struct_special_symmetry.auth_comp_id 
_pdbx_struct_special_symmetry.auth_seq_id 
_pdbx_struct_special_symmetry.PDB_ins_code 
_pdbx_struct_special_symmetry.label_asym_id 
_pdbx_struct_special_symmetry.label_comp_id 
_pdbx_struct_special_symmetry.label_seq_id 
1 1 A HOH 2002 ? C HOH . 
2 1 A HOH 2022 ? C HOH . 
# 
loop_
_chem_comp_atom.comp_id 
_chem_comp_atom.atom_id 
_chem_comp_atom.type_symbol 
_chem_comp_atom.pdbx_aromatic_flag 
_chem_comp_atom.pdbx_stereo_config 
_chem_comp_atom.pdbx_ordinal 
ALA N    N N N 1   
ALA CA   C N S 2   
ALA C    C N N 3   
ALA O    O N N 4   
ALA CB   C N N 5   
ALA OXT  O N N 6   
ALA H    H N N 7   
ALA H2   H N N 8   
ALA HA   H N N 9   
ALA HB1  H N N 10  
ALA HB2  H N N 11  
ALA HB3  H N N 12  
ALA HXT  H N N 13  
ARG N    N N N 14  
ARG CA   C N S 15  
ARG C    C N N 16  
ARG O    O N N 17  
ARG CB   C N N 18  
ARG CG   C N N 19  
ARG CD   C N N 20  
ARG NE   N N N 21  
ARG CZ   C N N 22  
ARG NH1  N N N 23  
ARG NH2  N N N 24  
ARG OXT  O N N 25  
ARG H    H N N 26  
ARG H2   H N N 27  
ARG HA   H N N 28  
ARG HB2  H N N 29  
ARG HB3  H N N 30  
ARG HG2  H N N 31  
ARG HG3  H N N 32  
ARG HD2  H N N 33  
ARG HD3  H N N 34  
ARG HE   H N N 35  
ARG HH11 H N N 36  
ARG HH12 H N N 37  
ARG HH21 H N N 38  
ARG HH22 H N N 39  
ARG HXT  H N N 40  
ASN N    N N N 41  
ASN CA   C N S 42  
ASN C    C N N 43  
ASN O    O N N 44  
ASN CB   C N N 45  
ASN CG   C N N 46  
ASN OD1  O N N 47  
ASN ND2  N N N 48  
ASN OXT  O N N 49  
ASN H    H N N 50  
ASN H2   H N N 51  
ASN HA   H N N 52  
ASN HB2  H N N 53  
ASN HB3  H N N 54  
ASN HD21 H N N 55  
ASN HD22 H N N 56  
ASN HXT  H N N 57  
ASP N    N N N 58  
ASP CA   C N S 59  
ASP C    C N N 60  
ASP O    O N N 61  
ASP CB   C N N 62  
ASP CG   C N N 63  
ASP OD1  O N N 64  
ASP OD2  O N N 65  
ASP OXT  O N N 66  
ASP H    H N N 67  
ASP H2   H N N 68  
ASP HA   H N N 69  
ASP HB2  H N N 70  
ASP HB3  H N N 71  
ASP HD2  H N N 72  
ASP HXT  H N N 73  
CYS N    N N N 74  
CYS CA   C N R 75  
CYS C    C N N 76  
CYS O    O N N 77  
CYS CB   C N N 78  
CYS SG   S N N 79  
CYS OXT  O N N 80  
CYS H    H N N 81  
CYS H2   H N N 82  
CYS HA   H N N 83  
CYS HB2  H N N 84  
CYS HB3  H N N 85  
CYS HG   H N N 86  
CYS HXT  H N N 87  
DIA N1   N N N 88  
DIA C1   C N N 89  
DIA C2   C N N 90  
DIA C3   C N N 91  
DIA C4   C N N 92  
DIA C5   C N N 93  
DIA C6   C N N 94  
DIA C7   C N N 95  
DIA C8   C N N 96  
DIA N8   N N N 97  
DIA HN11 H N N 98  
DIA HN12 H N N 99  
DIA HC11 H N N 100 
DIA HC12 H N N 101 
DIA HC21 H N N 102 
DIA HC22 H N N 103 
DIA HC31 H N N 104 
DIA HC32 H N N 105 
DIA HC41 H N N 106 
DIA HC42 H N N 107 
DIA HC51 H N N 108 
DIA HC52 H N N 109 
DIA HC61 H N N 110 
DIA HC62 H N N 111 
DIA HC71 H N N 112 
DIA HC72 H N N 113 
DIA HC81 H N N 114 
DIA HC82 H N N 115 
DIA HN81 H N N 116 
DIA HN82 H N N 117 
GLN N    N N N 118 
GLN CA   C N S 119 
GLN C    C N N 120 
GLN O    O N N 121 
GLN CB   C N N 122 
GLN CG   C N N 123 
GLN CD   C N N 124 
GLN OE1  O N N 125 
GLN NE2  N N N 126 
GLN OXT  O N N 127 
GLN H    H N N 128 
GLN H2   H N N 129 
GLN HA   H N N 130 
GLN HB2  H N N 131 
GLN HB3  H N N 132 
GLN HG2  H N N 133 
GLN HG3  H N N 134 
GLN HE21 H N N 135 
GLN HE22 H N N 136 
GLN HXT  H N N 137 
GLU N    N N N 138 
GLU CA   C N S 139 
GLU C    C N N 140 
GLU O    O N N 141 
GLU CB   C N N 142 
GLU CG   C N N 143 
GLU CD   C N N 144 
GLU OE1  O N N 145 
GLU OE2  O N N 146 
GLU OXT  O N N 147 
GLU H    H N N 148 
GLU H2   H N N 149 
GLU HA   H N N 150 
GLU HB2  H N N 151 
GLU HB3  H N N 152 
GLU HG2  H N N 153 
GLU HG3  H N N 154 
GLU HE2  H N N 155 
GLU HXT  H N N 156 
GLY N    N N N 157 
GLY CA   C N N 158 
GLY C    C N N 159 
GLY O    O N N 160 
GLY OXT  O N N 161 
GLY H    H N N 162 
GLY H2   H N N 163 
GLY HA2  H N N 164 
GLY HA3  H N N 165 
GLY HXT  H N N 166 
HOH O    O N N 167 
HOH H1   H N N 168 
HOH H2   H N N 169 
ILE N    N N N 170 
ILE CA   C N S 171 
ILE C    C N N 172 
ILE O    O N N 173 
ILE CB   C N S 174 
ILE CG1  C N N 175 
ILE CG2  C N N 176 
ILE CD1  C N N 177 
ILE OXT  O N N 178 
ILE H    H N N 179 
ILE H2   H N N 180 
ILE HA   H N N 181 
ILE HB   H N N 182 
ILE HG12 H N N 183 
ILE HG13 H N N 184 
ILE HG21 H N N 185 
ILE HG22 H N N 186 
ILE HG23 H N N 187 
ILE HD11 H N N 188 
ILE HD12 H N N 189 
ILE HD13 H N N 190 
ILE HXT  H N N 191 
LEU N    N N N 192 
LEU CA   C N S 193 
LEU C    C N N 194 
LEU O    O N N 195 
LEU CB   C N N 196 
LEU CG   C N N 197 
LEU CD1  C N N 198 
LEU CD2  C N N 199 
LEU OXT  O N N 200 
LEU H    H N N 201 
LEU H2   H N N 202 
LEU HA   H N N 203 
LEU HB2  H N N 204 
LEU HB3  H N N 205 
LEU HG   H N N 206 
LEU HD11 H N N 207 
LEU HD12 H N N 208 
LEU HD13 H N N 209 
LEU HD21 H N N 210 
LEU HD22 H N N 211 
LEU HD23 H N N 212 
LEU HXT  H N N 213 
LYS N    N N N 214 
LYS CA   C N S 215 
LYS C    C N N 216 
LYS O    O N N 217 
LYS CB   C N N 218 
LYS CG   C N N 219 
LYS CD   C N N 220 
LYS CE   C N N 221 
LYS NZ   N N N 222 
LYS OXT  O N N 223 
LYS H    H N N 224 
LYS H2   H N N 225 
LYS HA   H N N 226 
LYS HB2  H N N 227 
LYS HB3  H N N 228 
LYS HG2  H N N 229 
LYS HG3  H N N 230 
LYS HD2  H N N 231 
LYS HD3  H N N 232 
LYS HE2  H N N 233 
LYS HE3  H N N 234 
LYS HZ1  H N N 235 
LYS HZ2  H N N 236 
LYS HZ3  H N N 237 
LYS HXT  H N N 238 
PHE N    N N N 239 
PHE CA   C N S 240 
PHE C    C N N 241 
PHE O    O N N 242 
PHE CB   C N N 243 
PHE CG   C Y N 244 
PHE CD1  C Y N 245 
PHE CD2  C Y N 246 
PHE CE1  C Y N 247 
PHE CE2  C Y N 248 
PHE CZ   C Y N 249 
PHE OXT  O N N 250 
PHE H    H N N 251 
PHE H2   H N N 252 
PHE HA   H N N 253 
PHE HB2  H N N 254 
PHE HB3  H N N 255 
PHE HD1  H N N 256 
PHE HD2  H N N 257 
PHE HE1  H N N 258 
PHE HE2  H N N 259 
PHE HZ   H N N 260 
PHE HXT  H N N 261 
PRO N    N N N 262 
PRO CA   C N S 263 
PRO C    C N N 264 
PRO O    O N N 265 
PRO CB   C N N 266 
PRO CG   C N N 267 
PRO CD   C N N 268 
PRO OXT  O N N 269 
PRO H    H N N 270 
PRO HA   H N N 271 
PRO HB2  H N N 272 
PRO HB3  H N N 273 
PRO HG2  H N N 274 
PRO HG3  H N N 275 
PRO HD2  H N N 276 
PRO HD3  H N N 277 
PRO HXT  H N N 278 
SER N    N N N 279 
SER CA   C N S 280 
SER C    C N N 281 
SER O    O N N 282 
SER CB   C N N 283 
SER OG   O N N 284 
SER OXT  O N N 285 
SER H    H N N 286 
SER H2   H N N 287 
SER HA   H N N 288 
SER HB2  H N N 289 
SER HB3  H N N 290 
SER HG   H N N 291 
SER HXT  H N N 292 
THR N    N N N 293 
THR CA   C N S 294 
THR C    C N N 295 
THR O    O N N 296 
THR CB   C N R 297 
THR OG1  O N N 298 
THR CG2  C N N 299 
THR OXT  O N N 300 
THR H    H N N 301 
THR H2   H N N 302 
THR HA   H N N 303 
THR HB   H N N 304 
THR HG1  H N N 305 
THR HG21 H N N 306 
THR HG22 H N N 307 
THR HG23 H N N 308 
THR HXT  H N N 309 
TRP N    N N N 310 
TRP CA   C N S 311 
TRP C    C N N 312 
TRP O    O N N 313 
TRP CB   C N N 314 
TRP CG   C Y N 315 
TRP CD1  C Y N 316 
TRP CD2  C Y N 317 
TRP NE1  N Y N 318 
TRP CE2  C Y N 319 
TRP CE3  C Y N 320 
TRP CZ2  C Y N 321 
TRP CZ3  C Y N 322 
TRP CH2  C Y N 323 
TRP OXT  O N N 324 
TRP H    H N N 325 
TRP H2   H N N 326 
TRP HA   H N N 327 
TRP HB2  H N N 328 
TRP HB3  H N N 329 
TRP HD1  H N N 330 
TRP HE1  H N N 331 
TRP HE3  H N N 332 
TRP HZ2  H N N 333 
TRP HZ3  H N N 334 
TRP HH2  H N N 335 
TRP HXT  H N N 336 
TYR N    N N N 337 
TYR CA   C N S 338 
TYR C    C N N 339 
TYR O    O N N 340 
TYR CB   C N N 341 
TYR CG   C Y N 342 
TYR CD1  C Y N 343 
TYR CD2  C Y N 344 
TYR CE1  C Y N 345 
TYR CE2  C Y N 346 
TYR CZ   C Y N 347 
TYR OH   O N N 348 
TYR OXT  O N N 349 
TYR H    H N N 350 
TYR H2   H N N 351 
TYR HA   H N N 352 
TYR HB2  H N N 353 
TYR HB3  H N N 354 
TYR HD1  H N N 355 
TYR HD2  H N N 356 
TYR HE1  H N N 357 
TYR HE2  H N N 358 
TYR HH   H N N 359 
TYR HXT  H N N 360 
VAL N    N N N 361 
VAL CA   C N S 362 
VAL C    C N N 363 
VAL O    O N N 364 
VAL CB   C N N 365 
VAL CG1  C N N 366 
VAL CG2  C N N 367 
VAL OXT  O N N 368 
VAL H    H N N 369 
VAL H2   H N N 370 
VAL HA   H N N 371 
VAL HB   H N N 372 
VAL HG11 H N N 373 
VAL HG12 H N N 374 
VAL HG13 H N N 375 
VAL HG21 H N N 376 
VAL HG22 H N N 377 
VAL HG23 H N N 378 
VAL HXT  H N N 379 
# 
loop_
_chem_comp_bond.comp_id 
_chem_comp_bond.atom_id_1 
_chem_comp_bond.atom_id_2 
_chem_comp_bond.value_order 
_chem_comp_bond.pdbx_aromatic_flag 
_chem_comp_bond.pdbx_stereo_config 
_chem_comp_bond.pdbx_ordinal 
ALA N   CA   sing N N 1   
ALA N   H    sing N N 2   
ALA N   H2   sing N N 3   
ALA CA  C    sing N N 4   
ALA CA  CB   sing N N 5   
ALA CA  HA   sing N N 6   
ALA C   O    doub N N 7   
ALA C   OXT  sing N N 8   
ALA CB  HB1  sing N N 9   
ALA CB  HB2  sing N N 10  
ALA CB  HB3  sing N N 11  
ALA OXT HXT  sing N N 12  
ARG N   CA   sing N N 13  
ARG N   H    sing N N 14  
ARG N   H2   sing N N 15  
ARG CA  C    sing N N 16  
ARG CA  CB   sing N N 17  
ARG CA  HA   sing N N 18  
ARG C   O    doub N N 19  
ARG C   OXT  sing N N 20  
ARG CB  CG   sing N N 21  
ARG CB  HB2  sing N N 22  
ARG CB  HB3  sing N N 23  
ARG CG  CD   sing N N 24  
ARG CG  HG2  sing N N 25  
ARG CG  HG3  sing N N 26  
ARG CD  NE   sing N N 27  
ARG CD  HD2  sing N N 28  
ARG CD  HD3  sing N N 29  
ARG NE  CZ   sing N N 30  
ARG NE  HE   sing N N 31  
ARG CZ  NH1  sing N N 32  
ARG CZ  NH2  doub N N 33  
ARG NH1 HH11 sing N N 34  
ARG NH1 HH12 sing N N 35  
ARG NH2 HH21 sing N N 36  
ARG NH2 HH22 sing N N 37  
ARG OXT HXT  sing N N 38  
ASN N   CA   sing N N 39  
ASN N   H    sing N N 40  
ASN N   H2   sing N N 41  
ASN CA  C    sing N N 42  
ASN CA  CB   sing N N 43  
ASN CA  HA   sing N N 44  
ASN C   O    doub N N 45  
ASN C   OXT  sing N N 46  
ASN CB  CG   sing N N 47  
ASN CB  HB2  sing N N 48  
ASN CB  HB3  sing N N 49  
ASN CG  OD1  doub N N 50  
ASN CG  ND2  sing N N 51  
ASN ND2 HD21 sing N N 52  
ASN ND2 HD22 sing N N 53  
ASN OXT HXT  sing N N 54  
ASP N   CA   sing N N 55  
ASP N   H    sing N N 56  
ASP N   H2   sing N N 57  
ASP CA  C    sing N N 58  
ASP CA  CB   sing N N 59  
ASP CA  HA   sing N N 60  
ASP C   O    doub N N 61  
ASP C   OXT  sing N N 62  
ASP CB  CG   sing N N 63  
ASP CB  HB2  sing N N 64  
ASP CB  HB3  sing N N 65  
ASP CG  OD1  doub N N 66  
ASP CG  OD2  sing N N 67  
ASP OD2 HD2  sing N N 68  
ASP OXT HXT  sing N N 69  
CYS N   CA   sing N N 70  
CYS N   H    sing N N 71  
CYS N   H2   sing N N 72  
CYS CA  C    sing N N 73  
CYS CA  CB   sing N N 74  
CYS CA  HA   sing N N 75  
CYS C   O    doub N N 76  
CYS C   OXT  sing N N 77  
CYS CB  SG   sing N N 78  
CYS CB  HB2  sing N N 79  
CYS CB  HB3  sing N N 80  
CYS SG  HG   sing N N 81  
CYS OXT HXT  sing N N 82  
DIA N1  C1   sing N N 83  
DIA N1  HN11 sing N N 84  
DIA N1  HN12 sing N N 85  
DIA C1  C2   sing N N 86  
DIA C1  HC11 sing N N 87  
DIA C1  HC12 sing N N 88  
DIA C2  C3   sing N N 89  
DIA C2  HC21 sing N N 90  
DIA C2  HC22 sing N N 91  
DIA C3  C4   sing N N 92  
DIA C3  HC31 sing N N 93  
DIA C3  HC32 sing N N 94  
DIA C4  C5   sing N N 95  
DIA C4  HC41 sing N N 96  
DIA C4  HC42 sing N N 97  
DIA C5  C6   sing N N 98  
DIA C5  HC51 sing N N 99  
DIA C5  HC52 sing N N 100 
DIA C6  C7   sing N N 101 
DIA C6  HC61 sing N N 102 
DIA C6  HC62 sing N N 103 
DIA C7  C8   sing N N 104 
DIA C7  HC71 sing N N 105 
DIA C7  HC72 sing N N 106 
DIA C8  N8   sing N N 107 
DIA C8  HC81 sing N N 108 
DIA C8  HC82 sing N N 109 
DIA N8  HN81 sing N N 110 
DIA N8  HN82 sing N N 111 
GLN N   CA   sing N N 112 
GLN N   H    sing N N 113 
GLN N   H2   sing N N 114 
GLN CA  C    sing N N 115 
GLN CA  CB   sing N N 116 
GLN CA  HA   sing N N 117 
GLN C   O    doub N N 118 
GLN C   OXT  sing N N 119 
GLN CB  CG   sing N N 120 
GLN CB  HB2  sing N N 121 
GLN CB  HB3  sing N N 122 
GLN CG  CD   sing N N 123 
GLN CG  HG2  sing N N 124 
GLN CG  HG3  sing N N 125 
GLN CD  OE1  doub N N 126 
GLN CD  NE2  sing N N 127 
GLN NE2 HE21 sing N N 128 
GLN NE2 HE22 sing N N 129 
GLN OXT HXT  sing N N 130 
GLU N   CA   sing N N 131 
GLU N   H    sing N N 132 
GLU N   H2   sing N N 133 
GLU CA  C    sing N N 134 
GLU CA  CB   sing N N 135 
GLU CA  HA   sing N N 136 
GLU C   O    doub N N 137 
GLU C   OXT  sing N N 138 
GLU CB  CG   sing N N 139 
GLU CB  HB2  sing N N 140 
GLU CB  HB3  sing N N 141 
GLU CG  CD   sing N N 142 
GLU CG  HG2  sing N N 143 
GLU CG  HG3  sing N N 144 
GLU CD  OE1  doub N N 145 
GLU CD  OE2  sing N N 146 
GLU OE2 HE2  sing N N 147 
GLU OXT HXT  sing N N 148 
GLY N   CA   sing N N 149 
GLY N   H    sing N N 150 
GLY N   H2   sing N N 151 
GLY CA  C    sing N N 152 
GLY CA  HA2  sing N N 153 
GLY CA  HA3  sing N N 154 
GLY C   O    doub N N 155 
GLY C   OXT  sing N N 156 
GLY OXT HXT  sing N N 157 
HOH O   H1   sing N N 158 
HOH O   H2   sing N N 159 
ILE N   CA   sing N N 160 
ILE N   H    sing N N 161 
ILE N   H2   sing N N 162 
ILE CA  C    sing N N 163 
ILE CA  CB   sing N N 164 
ILE CA  HA   sing N N 165 
ILE C   O    doub N N 166 
ILE C   OXT  sing N N 167 
ILE CB  CG1  sing N N 168 
ILE CB  CG2  sing N N 169 
ILE CB  HB   sing N N 170 
ILE CG1 CD1  sing N N 171 
ILE CG1 HG12 sing N N 172 
ILE CG1 HG13 sing N N 173 
ILE CG2 HG21 sing N N 174 
ILE CG2 HG22 sing N N 175 
ILE CG2 HG23 sing N N 176 
ILE CD1 HD11 sing N N 177 
ILE CD1 HD12 sing N N 178 
ILE CD1 HD13 sing N N 179 
ILE OXT HXT  sing N N 180 
LEU N   CA   sing N N 181 
LEU N   H    sing N N 182 
LEU N   H2   sing N N 183 
LEU CA  C    sing N N 184 
LEU CA  CB   sing N N 185 
LEU CA  HA   sing N N 186 
LEU C   O    doub N N 187 
LEU C   OXT  sing N N 188 
LEU CB  CG   sing N N 189 
LEU CB  HB2  sing N N 190 
LEU CB  HB3  sing N N 191 
LEU CG  CD1  sing N N 192 
LEU CG  CD2  sing N N 193 
LEU CG  HG   sing N N 194 
LEU CD1 HD11 sing N N 195 
LEU CD1 HD12 sing N N 196 
LEU CD1 HD13 sing N N 197 
LEU CD2 HD21 sing N N 198 
LEU CD2 HD22 sing N N 199 
LEU CD2 HD23 sing N N 200 
LEU OXT HXT  sing N N 201 
LYS N   CA   sing N N 202 
LYS N   H    sing N N 203 
LYS N   H2   sing N N 204 
LYS CA  C    sing N N 205 
LYS CA  CB   sing N N 206 
LYS CA  HA   sing N N 207 
LYS C   O    doub N N 208 
LYS C   OXT  sing N N 209 
LYS CB  CG   sing N N 210 
LYS CB  HB2  sing N N 211 
LYS CB  HB3  sing N N 212 
LYS CG  CD   sing N N 213 
LYS CG  HG2  sing N N 214 
LYS CG  HG3  sing N N 215 
LYS CD  CE   sing N N 216 
LYS CD  HD2  sing N N 217 
LYS CD  HD3  sing N N 218 
LYS CE  NZ   sing N N 219 
LYS CE  HE2  sing N N 220 
LYS CE  HE3  sing N N 221 
LYS NZ  HZ1  sing N N 222 
LYS NZ  HZ2  sing N N 223 
LYS NZ  HZ3  sing N N 224 
LYS OXT HXT  sing N N 225 
PHE N   CA   sing N N 226 
PHE N   H    sing N N 227 
PHE N   H2   sing N N 228 
PHE CA  C    sing N N 229 
PHE CA  CB   sing N N 230 
PHE CA  HA   sing N N 231 
PHE C   O    doub N N 232 
PHE C   OXT  sing N N 233 
PHE CB  CG   sing N N 234 
PHE CB  HB2  sing N N 235 
PHE CB  HB3  sing N N 236 
PHE CG  CD1  doub Y N 237 
PHE CG  CD2  sing Y N 238 
PHE CD1 CE1  sing Y N 239 
PHE CD1 HD1  sing N N 240 
PHE CD2 CE2  doub Y N 241 
PHE CD2 HD2  sing N N 242 
PHE CE1 CZ   doub Y N 243 
PHE CE1 HE1  sing N N 244 
PHE CE2 CZ   sing Y N 245 
PHE CE2 HE2  sing N N 246 
PHE CZ  HZ   sing N N 247 
PHE OXT HXT  sing N N 248 
PRO N   CA   sing N N 249 
PRO N   CD   sing N N 250 
PRO N   H    sing N N 251 
PRO CA  C    sing N N 252 
PRO CA  CB   sing N N 253 
PRO CA  HA   sing N N 254 
PRO C   O    doub N N 255 
PRO C   OXT  sing N N 256 
PRO CB  CG   sing N N 257 
PRO CB  HB2  sing N N 258 
PRO CB  HB3  sing N N 259 
PRO CG  CD   sing N N 260 
PRO CG  HG2  sing N N 261 
PRO CG  HG3  sing N N 262 
PRO CD  HD2  sing N N 263 
PRO CD  HD3  sing N N 264 
PRO OXT HXT  sing N N 265 
SER N   CA   sing N N 266 
SER N   H    sing N N 267 
SER N   H2   sing N N 268 
SER CA  C    sing N N 269 
SER CA  CB   sing N N 270 
SER CA  HA   sing N N 271 
SER C   O    doub N N 272 
SER C   OXT  sing N N 273 
SER CB  OG   sing N N 274 
SER CB  HB2  sing N N 275 
SER CB  HB3  sing N N 276 
SER OG  HG   sing N N 277 
SER OXT HXT  sing N N 278 
THR N   CA   sing N N 279 
THR N   H    sing N N 280 
THR N   H2   sing N N 281 
THR CA  C    sing N N 282 
THR CA  CB   sing N N 283 
THR CA  HA   sing N N 284 
THR C   O    doub N N 285 
THR C   OXT  sing N N 286 
THR CB  OG1  sing N N 287 
THR CB  CG2  sing N N 288 
THR CB  HB   sing N N 289 
THR OG1 HG1  sing N N 290 
THR CG2 HG21 sing N N 291 
THR CG2 HG22 sing N N 292 
THR CG2 HG23 sing N N 293 
THR OXT HXT  sing N N 294 
TRP N   CA   sing N N 295 
TRP N   H    sing N N 296 
TRP N   H2   sing N N 297 
TRP CA  C    sing N N 298 
TRP CA  CB   sing N N 299 
TRP CA  HA   sing N N 300 
TRP C   O    doub N N 301 
TRP C   OXT  sing N N 302 
TRP CB  CG   sing N N 303 
TRP CB  HB2  sing N N 304 
TRP CB  HB3  sing N N 305 
TRP CG  CD1  doub Y N 306 
TRP CG  CD2  sing Y N 307 
TRP CD1 NE1  sing Y N 308 
TRP CD1 HD1  sing N N 309 
TRP CD2 CE2  doub Y N 310 
TRP CD2 CE3  sing Y N 311 
TRP NE1 CE2  sing Y N 312 
TRP NE1 HE1  sing N N 313 
TRP CE2 CZ2  sing Y N 314 
TRP CE3 CZ3  doub Y N 315 
TRP CE3 HE3  sing N N 316 
TRP CZ2 CH2  doub Y N 317 
TRP CZ2 HZ2  sing N N 318 
TRP CZ3 CH2  sing Y N 319 
TRP CZ3 HZ3  sing N N 320 
TRP CH2 HH2  sing N N 321 
TRP OXT HXT  sing N N 322 
TYR N   CA   sing N N 323 
TYR N   H    sing N N 324 
TYR N   H2   sing N N 325 
TYR CA  C    sing N N 326 
TYR CA  CB   sing N N 327 
TYR CA  HA   sing N N 328 
TYR C   O    doub N N 329 
TYR C   OXT  sing N N 330 
TYR CB  CG   sing N N 331 
TYR CB  HB2  sing N N 332 
TYR CB  HB3  sing N N 333 
TYR CG  CD1  doub Y N 334 
TYR CG  CD2  sing Y N 335 
TYR CD1 CE1  sing Y N 336 
TYR CD1 HD1  sing N N 337 
TYR CD2 CE2  doub Y N 338 
TYR CD2 HD2  sing N N 339 
TYR CE1 CZ   doub Y N 340 
TYR CE1 HE1  sing N N 341 
TYR CE2 CZ   sing Y N 342 
TYR CE2 HE2  sing N N 343 
TYR CZ  OH   sing N N 344 
TYR OH  HH   sing N N 345 
TYR OXT HXT  sing N N 346 
VAL N   CA   sing N N 347 
VAL N   H    sing N N 348 
VAL N   H2   sing N N 349 
VAL CA  C    sing N N 350 
VAL CA  CB   sing N N 351 
VAL CA  HA   sing N N 352 
VAL C   O    doub N N 353 
VAL C   OXT  sing N N 354 
VAL CB  CG1  sing N N 355 
VAL CB  CG2  sing N N 356 
VAL CB  HB   sing N N 357 
VAL CG1 HG11 sing N N 358 
VAL CG1 HG12 sing N N 359 
VAL CG1 HG13 sing N N 360 
VAL CG2 HG21 sing N N 361 
VAL CG2 HG22 sing N N 362 
VAL CG2 HG23 sing N N 363 
VAL OXT HXT  sing N N 364 
# 
_atom_sites.entry_id                    2XMF 
_atom_sites.fract_transf_matrix[1][1]   -0.00705579 
_atom_sites.fract_transf_matrix[1][2]   -0.00081830 
_atom_sites.fract_transf_matrix[1][3]   0.02182943 
_atom_sites.fract_transf_matrix[2][1]   0.00567594 
_atom_sites.fract_transf_matrix[2][2]   0.01690136 
_atom_sites.fract_transf_matrix[2][3]   0.00246817 
_atom_sites.fract_transf_matrix[3][1]   -0.02128737 
_atom_sites.fract_transf_matrix[3][2]   0.00810928 
_atom_sites.fract_transf_matrix[3][3]   -0.00657660 
_atom_sites.fract_transf_vector[1]      0.365279 
_atom_sites.fract_transf_vector[2]      0.268608 
_atom_sites.fract_transf_vector[3]      -0.010950 
# 
loop_
_atom_type.symbol 
C 
N 
O 
S 
# 
loop_
_atom_site.group_PDB 
_atom_site.id 
_atom_site.type_symbol 
_atom_site.label_atom_id 
_atom_site.label_alt_id 
_atom_site.label_comp_id 
_atom_site.label_asym_id 
_atom_site.label_entity_id 
_atom_site.label_seq_id 
_atom_site.pdbx_PDB_ins_code 
_atom_site.Cartn_x 
_atom_site.Cartn_y 
_atom_site.Cartn_z 
_atom_site.occupancy 
_atom_site.B_iso_or_equiv 
_atom_site.pdbx_formal_charge 
_atom_site.auth_seq_id 
_atom_site.auth_comp_id 
_atom_site.auth_asym_id 
_atom_site.auth_atom_id 
_atom_site.pdbx_PDB_model_num 
ATOM   1   N N   . GLY A 1 1  ? -20.276 -1.957  -4.913  1.00 21.72 ? -5   GLY A N   1 
ATOM   2   C CA  . GLY A 1 1  ? -19.639 -2.035  -6.252  1.00 21.24 ? -5   GLY A CA  1 
ATOM   3   C C   . GLY A 1 1  ? -19.573 -3.473  -6.725  1.00 20.62 ? -5   GLY A C   1 
ATOM   4   O O   . GLY A 1 1  ? -19.715 -4.405  -5.917  1.00 20.88 ? -5   GLY A O   1 
ATOM   5   N N   . PRO A 1 2  ? -19.349 -3.666  -8.032  1.00 20.18 ? -4   PRO A N   1 
ATOM   6   C CA  . PRO A 1 2  ? -19.258 -5.003  -8.601  1.00 19.90 ? -4   PRO A CA  1 
ATOM   7   C C   . PRO A 1 2  ? -17.950 -5.701  -8.229  1.00 19.69 ? -4   PRO A C   1 
ATOM   8   O O   . PRO A 1 2  ? -17.867 -6.937  -8.263  1.00 20.64 ? -4   PRO A O   1 
ATOM   9   C CB  . PRO A 1 2  ? -19.308 -4.743  -10.100 1.00 19.89 ? -4   PRO A CB  1 
ATOM   10  C CG  . PRO A 1 2  ? -18.752 -3.370  -10.269 1.00 20.03 ? -4   PRO A CG  1 
ATOM   11  C CD  . PRO A 1 2  ? -19.188 -2.613  -9.056  1.00 20.10 ? -4   PRO A CD  1 
ATOM   12  N N   . LEU A 1 3  ? -16.954 -4.897  -7.887  1.00 18.43 ? -3   LEU A N   1 
ATOM   13  C CA  . LEU A 1 3  ? -15.652 -5.384  -7.473  1.00 17.69 ? -3   LEU A CA  1 
ATOM   14  C C   . LEU A 1 3  ? -15.416 -4.931  -6.046  1.00 16.88 ? -3   LEU A C   1 
ATOM   15  O O   . LEU A 1 3  ? -16.109 -4.047  -5.529  1.00 16.41 ? -3   LEU A O   1 
ATOM   16  C CB  . LEU A 1 3  ? -14.550 -4.836  -8.392  1.00 18.36 ? -3   LEU A CB  1 
ATOM   17  C CG  . LEU A 1 3  ? -14.572 -5.280  -9.859  1.00 19.59 ? -3   LEU A CG  1 
ATOM   18  C CD1 . LEU A 1 3  ? -13.372 -4.737  -10.619 1.00 20.89 ? -3   LEU A CD1 1 
ATOM   19  C CD2 . LEU A 1 3  ? -14.648 -6.803  -9.981  1.00 21.87 ? -3   LEU A CD2 1 
ATOM   20  N N   . GLY A 1 4  ? -14.432 -5.548  -5.407  1.00 16.01 ? -2   GLY A N   1 
ATOM   21  C CA  . GLY A 1 4  ? -14.044 -5.142  -4.079  1.00 15.18 ? -2   GLY A CA  1 
ATOM   22  C C   . GLY A 1 4  ? -13.411 -3.770  -4.122  1.00 14.39 ? -2   GLY A C   1 
ATOM   23  O O   . GLY A 1 4  ? -13.146 -3.212  -5.196  1.00 14.49 ? -2   GLY A O   1 
ATOM   24  N N   . SER A 1 5  ? -13.179 -3.210  -2.948  1.00 13.61 ? -1   SER A N   1 
ATOM   25  C CA  . SER A 1 5  ? -12.439 -1.978  -2.840  1.00 13.17 ? -1   SER A CA  1 
ATOM   26  C C   . SER A 1 5  ? -11.005 -2.215  -3.385  1.00 12.05 ? -1   SER A C   1 
ATOM   27  O O   . SER A 1 5  ? -10.520 -3.363  -3.404  1.00 11.83 ? -1   SER A O   1 
ATOM   28  C CB  . SER A 1 5  ? -12.437 -1.513  -1.382  1.00 14.35 ? -1   SER A CB  1 
ATOM   29  O OG  . SER A 1 5  ? -12.042 -2.575  -0.528  1.00 17.18 ? -1   SER A OG  1 
ATOM   30  N N   . PRO A 1 6  ? -10.342 -1.145  -3.848  1.00 11.65 ? 0    PRO A N   1 
ATOM   31  C CA  . PRO A 1 6  ? -9.047  -1.358  -4.512  1.00 11.04 ? 0    PRO A CA  1 
ATOM   32  C C   . PRO A 1 6  ? -7.953  -1.912  -3.601  1.00 10.29 ? 0    PRO A C   1 
ATOM   33  O O   . PRO A 1 6  ? -7.809  -1.493  -2.436  1.00 10.51 ? 0    PRO A O   1 
ATOM   34  C CB  . PRO A 1 6  ? -8.659  0.041   -4.997  1.00 10.65 ? 0    PRO A CB  1 
ATOM   35  C CG  . PRO A 1 6  ? -9.406  0.977   -4.108  1.00 12.08 ? 0    PRO A CG  1 
ATOM   36  C CD  . PRO A 1 6  ? -10.709 0.282   -3.813  1.00 11.46 ? 0    PRO A CD  1 
ATOM   37  N N   . GLN A 1 7  ? -7.169  -2.817  -4.153  1.00 9.66  ? 1    GLN A N   1 
ATOM   38  C CA  . GLN A 1 7  ? -6.028  -3.377  -3.444  1.00 9.48  ? 1    GLN A CA  1 
ATOM   39  C C   . GLN A 1 7  ? -4.825  -3.409  -4.363  1.00 9.09  ? 1    GLN A C   1 
ATOM   40  O O   . GLN A 1 7  ? -4.942  -3.221  -5.579  1.00 10.11 ? 1    GLN A O   1 
ATOM   41  C CB  . GLN A 1 7  ? -6.342  -4.792  -2.968  1.00 9.37  ? 1    GLN A CB  1 
ATOM   42  C CG  . GLN A 1 7  ? -7.500  -4.873  -1.965  1.00 9.28  ? 1    GLN A CG  1 
ATOM   43  C CD  . GLN A 1 7  ? -7.768  -6.307  -1.521  1.00 9.61  ? 1    GLN A CD  1 
ATOM   44  O OE1 . GLN A 1 7  ? -7.780  -7.234  -2.325  1.00 12.40 ? 1    GLN A OE1 1 
ATOM   45  N NE2 . GLN A 1 7  ? -7.934  -6.486  -0.220  1.00 12.72 ? 1    GLN A NE2 1 
ATOM   46  N N   . CYS A 1 8  ? -3.664  -3.651  -3.777  1.00 9.01  ? 2    CYS A N   1 
ATOM   47  C CA  . CYS A 1 8  ? -2.477  -3.918  -4.563  1.00 9.09  ? 2    CYS A CA  1 
ATOM   48  C C   . CYS A 1 8  ? -1.700  -4.991  -3.851  1.00 8.93  ? 2    CYS A C   1 
ATOM   49  O O   . CYS A 1 8  ? -1.949  -5.264  -2.658  1.00 9.75  ? 2    CYS A O   1 
ATOM   50  C CB  . CYS A 1 8  ? -1.630  -2.654  -4.733  1.00 8.18  ? 2    CYS A CB  1 
ATOM   51  S SG  . CYS A 1 8  ? -1.148  -1.865  -3.183  1.00 9.95  ? 2    CYS A SG  1 
ATOM   52  N N   . LYS A 1 9  ? -0.806  -5.635  -4.590  1.00 9.39  ? 3    LYS A N   1 
ATOM   53  C CA  . LYS A 1 9  ? 0.034   -6.671  -4.042  1.00 9.92  ? 3    LYS A CA  1 
ATOM   54  C C   . LYS A 1 9  ? 1.477   -6.186  -4.026  1.00 9.27  ? 3    LYS A C   1 
ATOM   55  O O   . LYS A 1 9  ? 1.975   -5.699  -5.038  1.00 9.64  ? 3    LYS A O   1 
ATOM   56  C CB  . LYS A 1 9  ? -0.092  -7.951  -4.874  1.00 10.15 ? 3    LYS A CB  1 
ATOM   57  C CG  . LYS A 1 9  ? 0.798   -9.087  -4.382  1.00 13.33 ? 3    LYS A CG  1 
ATOM   58  C CD  . LYS A 1 9  ? 0.584   -10.340 -5.203  1.00 19.64 ? 3    LYS A CD  1 
ATOM   59  C CE  . LYS A 1 9  ? 1.309   -10.257 -6.546  1.00 23.80 ? 3    LYS A CE  1 
ATOM   60  N NZ  . LYS A 1 9  ? 1.748   -11.598 -7.095  1.00 28.23 ? 3    LYS A NZ  1 
ATOM   61  N N   . ALA A 1 10 ? 2.152   -6.341  -2.889  1.00 9.28  ? 4    ALA A N   1 
ATOM   62  C CA  . ALA A 1 10 ? 3.548   -5.883  -2.799  1.00 9.52  ? 4    ALA A CA  1 
ATOM   63  C C   . ALA A 1 10 ? 4.462   -6.775  -3.622  1.00 10.33 ? 4    ALA A C   1 
ATOM   64  O O   . ALA A 1 10 ? 4.408   -7.998  -3.491  1.00 9.65  ? 4    ALA A O   1 
ATOM   65  C CB  . ALA A 1 10 ? 4.030   -5.818  -1.346  1.00 9.74  ? 4    ALA A CB  1 
ATOM   66  N N   . LEU A 1 11 ? 5.278   -6.150  -4.464  1.00 11.22 ? 5    LEU A N   1 
ATOM   67  C CA  . LEU A 1 11 ? 6.279   -6.863  -5.247  1.00 12.46 ? 5    LEU A CA  1 
ATOM   68  C C   . LEU A 1 11 ? 7.518   -7.091  -4.399  1.00 12.99 ? 5    LEU A C   1 
ATOM   69  O O   . LEU A 1 11 ? 8.238   -8.060  -4.603  1.00 14.18 ? 5    LEU A O   1 
ATOM   70  C CB  . LEU A 1 11 ? 6.661   -6.057  -6.486  1.00 13.33 ? 5    LEU A CB  1 
ATOM   71  C CG  . LEU A 1 11 ? 5.553   -5.830  -7.512  1.00 15.54 ? 5    LEU A CG  1 
ATOM   72  C CD1 . LEU A 1 11 ? 5.955   -4.724  -8.471  1.00 19.08 ? 5    LEU A CD1 1 
ATOM   73  C CD2 . LEU A 1 11 ? 5.221   -7.132  -8.244  1.00 18.42 ? 5    LEU A CD2 1 
ATOM   74  N N   . TYR A 1 12 ? 7.760   -6.177  -3.465  1.00 12.68 ? 6    TYR A N   1 
ATOM   75  C CA  . TYR A 1 12 ? 8.955   -6.145  -2.646  1.00 12.68 ? 6    TYR A CA  1 
ATOM   76  C C   . TYR A 1 12 ? 8.565   -5.691  -1.250  1.00 12.56 ? 6    TYR A C   1 
ATOM   77  O O   . TYR A 1 12 ? 7.587   -4.959  -1.084  1.00 12.07 ? 6    TYR A O   1 
ATOM   78  C CB  . TYR A 1 12 ? 9.945   -5.116  -3.201  1.00 13.39 ? 6    TYR A CB  1 
ATOM   79  C CG  . TYR A 1 12 ? 10.250  -5.302  -4.664  1.00 13.66 ? 6    TYR A CG  1 
ATOM   80  C CD1 . TYR A 1 12 ? 11.123  -6.300  -5.077  1.00 13.73 ? 6    TYR A CD1 1 
ATOM   81  C CD2 . TYR A 1 12 ? 9.649   -4.493  -5.637  1.00 15.75 ? 6    TYR A CD2 1 
ATOM   82  C CE1 . TYR A 1 12 ? 11.397  -6.496  -6.421  1.00 15.33 ? 6    TYR A CE1 1 
ATOM   83  C CE2 . TYR A 1 12 ? 9.932   -4.682  -6.987  1.00 14.97 ? 6    TYR A CE2 1 
ATOM   84  C CZ  . TYR A 1 12 ? 10.790  -5.688  -7.369  1.00 16.21 ? 6    TYR A CZ  1 
ATOM   85  O OH  . TYR A 1 12 ? 11.085  -5.903  -8.704  1.00 17.59 ? 6    TYR A OH  1 
ATOM   86  N N   . ALA A 1 13 ? 9.329   -6.112  -0.248  1.00 11.84 ? 7    ALA A N   1 
ATOM   87  C CA  . ALA A 1 13 ? 9.106   -5.623  1.101   1.00 12.37 ? 7    ALA A CA  1 
ATOM   88  C C   . ALA A 1 13 ? 9.481   -4.160  1.196   1.00 13.10 ? 7    ALA A C   1 
ATOM   89  O O   . ALA A 1 13 ? 10.457  -3.710  0.587   1.00 12.99 ? 7    ALA A O   1 
ATOM   90  C CB  . ALA A 1 13 ? 9.904   -6.436  2.108   1.00 12.37 ? 7    ALA A CB  1 
ATOM   91  N N   . TYR A 1 14 ? 8.698   -3.403  1.956   1.00 13.07 ? 8    TYR A N   1 
ATOM   92  C CA  . TYR A 1 14 ? 9.030   -2.017  2.230   1.00 13.53 ? 8    TYR A CA  1 
ATOM   93  C C   . TYR A 1 14 ? 9.053   -1.801  3.732   1.00 13.45 ? 8    TYR A C   1 
ATOM   94  O O   . TYR A 1 14 ? 8.103   -2.169  4.439   1.00 12.72 ? 8    TYR A O   1 
ATOM   95  C CB  . TYR A 1 14 ? 8.053   -1.032  1.564   1.00 13.30 ? 8    TYR A CB  1 
ATOM   96  C CG  . TYR A 1 14 ? 8.465   0.404   1.818   1.00 13.85 ? 8    TYR A CG  1 
ATOM   97  C CD1 . TYR A 1 14 ? 9.616   0.922   1.225   1.00 13.75 ? 8    TYR A CD1 1 
ATOM   98  C CD2 . TYR A 1 14 ? 7.728   1.246   2.667   1.00 12.39 ? 8    TYR A CD2 1 
ATOM   99  C CE1 . TYR A 1 14 ? 10.025  2.210   1.464   1.00 13.99 ? 8    TYR A CE1 1 
ATOM   100 C CE2 . TYR A 1 14 ? 8.145   2.556   2.907   1.00 12.57 ? 8    TYR A CE2 1 
ATOM   101 C CZ  . TYR A 1 14 ? 9.291   3.022   2.299   1.00 12.53 ? 8    TYR A CZ  1 
ATOM   102 O OH  . TYR A 1 14 ? 9.748   4.300   2.513   1.00 13.66 ? 8    TYR A OH  1 
ATOM   103 N N   . ASP A 1 15 ? 10.133  -1.239  4.209   1.00 14.68 ? 9    ASP A N   1 
ATOM   104 C CA  . ASP A 1 15 ? 10.236  -0.858  5.596   1.00 15.84 ? 9    ASP A CA  1 
ATOM   105 C C   . ASP A 1 15 ? 9.989   0.686   5.731   1.00 15.11 ? 9    ASP A C   1 
ATOM   106 O O   . ASP A 1 15 ? 10.690  1.444   5.180   1.00 15.42 ? 9    ASP A O   1 
ATOM   107 C CB  . ASP A 1 15 ? 11.663  -1.211  6.134   1.00 17.30 ? 9    ASP A CB  1 
ATOM   108 C CG  . ASP A 1 15 ? 11.681  -1.649  7.606   1.00 20.72 ? 9    ASP A CG  1 
ATOM   109 O OD1 . ASP A 1 15 ? 12.136  -2.707  7.968   1.00 22.93 ? 9    ASP A OD1 1 
ATOM   110 O OD2 . ASP A 1 15 ? 11.308  -0.870  8.402   1.00 26.48 ? 9    ASP A OD2 1 
ATOM   111 N N   . ALA A 1 16 ? 8.960   1.057   6.449   1.00 14.87 ? 10   ALA A N   1 
ATOM   112 C CA  . ALA A 1 16 ? 8.643   2.476   6.680   1.00 15.64 ? 10   ALA A CA  1 
ATOM   113 C C   . ALA A 1 16 ? 9.862   3.280   7.119   1.00 16.88 ? 10   ALA A C   1 
ATOM   114 O O   . ALA A 1 16 ? 10.671  2.818   7.931   1.00 16.39 ? 10   ALA A O   1 
ATOM   115 C CB  . ALA A 1 16 ? 7.527   2.624   7.688   1.00 15.00 ? 10   ALA A CB  1 
ATOM   116 N N   . GLN A 1 17 ? 9.991   4.480   6.567   1.00 17.97 ? 11   GLN A N   1 
ATOM   117 C CA  . GLN A 1 17 ? 11.166  5.315   6.805   1.00 19.79 ? 11   GLN A CA  1 
ATOM   118 C C   . GLN A 1 17 ? 10.787  6.530   7.632   1.00 20.26 ? 11   GLN A C   1 
ATOM   119 O O   . GLN A 1 17 ? 11.634  7.382   7.935   1.00 20.93 ? 11   GLN A O   1 
ATOM   120 C CB  . GLN A 1 17 ? 11.814  5.719   5.483   1.00 19.39 ? 11   GLN A CB  1 
ATOM   121 C CG  . GLN A 1 17 ? 12.525  4.581   4.766   1.00 20.86 ? 11   GLN A CG  1 
ATOM   122 C CD  . GLN A 1 17 ? 12.903  4.916   3.325   1.00 22.30 ? 11   GLN A CD  1 
ATOM   123 O OE1 . GLN A 1 17 ? 12.786  6.066   2.881   1.00 25.76 ? 11   GLN A OE1 1 
ATOM   124 N NE2 . GLN A 1 17 ? 13.372  3.908   2.587   1.00 27.17 ? 11   GLN A NE2 1 
ATOM   125 N N   . ASP A 1 18 ? 9.508   6.598   7.992   1.00 20.14 ? 12   ASP A N   1 
ATOM   126 C CA  . ASP A 1 18 ? 8.978   7.688   8.771   1.00 21.46 ? 12   ASP A CA  1 
ATOM   127 C C   . ASP A 1 18 ? 7.716   7.224   9.459   1.00 20.69 ? 12   ASP A C   1 
ATOM   128 O O   . ASP A 1 18 ? 7.123   6.193   9.099   1.00 19.83 ? 12   ASP A O   1 
ATOM   129 C CB  . ASP A 1 18 ? 8.691   8.893   7.872   1.00 21.90 ? 12   ASP A CB  1 
ATOM   130 C CG  . ASP A 1 18 ? 9.224   10.190  8.452   1.00 24.95 ? 12   ASP A CG  1 
ATOM   131 O OD1 . ASP A 1 18 ? 9.207   10.344  9.694   1.00 28.85 ? 12   ASP A OD1 1 
ATOM   132 O OD2 . ASP A 1 18 ? 9.669   11.060  7.671   1.00 28.08 ? 12   ASP A OD2 1 
ATOM   133 N N   . THR A 1 19 ? 7.297   7.977   10.465  1.00 21.20 ? 13   THR A N   1 
ATOM   134 C CA  . THR A 1 19 ? 6.144   7.580   11.266  1.00 21.34 ? 13   THR A CA  1 
ATOM   135 C C   . THR A 1 19 ? 4.835   7.524   10.457  1.00 20.25 ? 13   THR A C   1 
ATOM   136 O O   . THR A 1 19 ? 3.909   6.799   10.803  1.00 20.34 ? 13   THR A O   1 
ATOM   137 C CB  . THR A 1 19 ? 5.984   8.506   12.494  1.00 22.67 ? 13   THR A CB  1 
ATOM   138 O OG1 . THR A 1 19 ? 7.287   8.937   12.948  1.00 24.44 ? 13   THR A OG1 1 
ATOM   139 C CG2 . THR A 1 19 ? 5.275   7.750   13.605  1.00 23.77 ? 13   THR A CG2 1 
ATOM   140 N N   . ASP A 1 20 ? 4.784   8.269   9.363   1.00 19.00 ? 14   ASP A N   1 
ATOM   141 C CA  . ASP A 1 20 ? 3.587   8.314   8.524   1.00 17.95 ? 14   ASP A CA  1 
ATOM   142 C C   . ASP A 1 20 ? 3.554   7.244   7.433   1.00 16.23 ? 14   ASP A C   1 
ATOM   143 O O   . ASP A 1 20 ? 2.599   7.168   6.664   1.00 15.56 ? 14   ASP A O   1 
ATOM   144 C CB  . ASP A 1 20 ? 3.416   9.706   7.899   1.00 18.23 ? 14   ASP A CB  1 
ATOM   145 C CG  . ASP A 1 20 ? 4.536   10.081  6.913   1.00 20.58 ? 14   ASP A CG  1 
ATOM   146 O OD1 . ASP A 1 20 ? 5.523   9.329   6.747   1.00 22.33 ? 14   ASP A OD1 1 
ATOM   147 O OD2 . ASP A 1 20 ? 4.433   11.172  6.307   1.00 22.46 ? 14   ASP A OD2 1 
ATOM   148 N N   . GLU A 1 21 ? 4.596   6.430   7.375   1.00 14.80 ? 15   GLU A N   1 
ATOM   149 C CA  . GLU A 1 21 ? 4.683   5.388   6.351   1.00 13.43 ? 15   GLU A CA  1 
ATOM   150 C C   . GLU A 1 21 ? 4.217   3.994   6.804   1.00 13.30 ? 15   GLU A C   1 
ATOM   151 O O   . GLU A 1 21 ? 4.109   3.702   7.994   1.00 13.91 ? 15   GLU A O   1 
ATOM   152 C CB  . GLU A 1 21 ? 6.087   5.330   5.779   1.00 13.30 ? 15   GLU A CB  1 
ATOM   153 C CG  . GLU A 1 21 ? 6.442   6.568   5.004   1.00 12.55 ? 15   GLU A CG  1 
ATOM   154 C CD  . GLU A 1 21 ? 7.858   6.543   4.512   1.00 14.75 ? 15   GLU A CD  1 
ATOM   155 O OE1 . GLU A 1 21 ? 8.434   5.433   4.425   1.00 12.81 ? 15   GLU A OE1 1 
ATOM   156 O OE2 . GLU A 1 21 ? 8.391   7.633   4.187   1.00 15.26 ? 15   GLU A OE2 1 
ATOM   157 N N   . LEU A 1 22 ? 3.952   3.138   5.827   1.00 12.63 ? 16   LEU A N   1 
ATOM   158 C CA  . LEU A 1 22 ? 3.447   1.797   6.044   1.00 11.70 ? 16   LEU A CA  1 
ATOM   159 C C   . LEU A 1 22 ? 4.514   0.789   5.652   1.00 11.20 ? 16   LEU A C   1 
ATOM   160 O O   . LEU A 1 22 ? 5.098   0.899   4.568   1.00 11.88 ? 16   LEU A O   1 
ATOM   161 C CB  . LEU A 1 22 ? 2.219   1.557   5.141   1.00 11.67 ? 16   LEU A CB  1 
ATOM   162 C CG  . LEU A 1 22 ? 1.556   0.184   5.173   1.00 10.87 ? 16   LEU A CG  1 
ATOM   163 C CD1 . LEU A 1 22 ? 0.851   -0.015  6.519   1.00 10.56 ? 16   LEU A CD1 1 
ATOM   164 C CD2 . LEU A 1 22 ? 0.563   0.028   4.036   1.00 11.75 ? 16   LEU A CD2 1 
ATOM   165 N N   . SER A 1 23 ? 4.744   -0.203  6.509   1.00 10.77 ? 17   SER A N   1 
ATOM   166 C CA  . SER A 1 23 ? 5.642   -1.292  6.180   1.00 9.58  ? 17   SER A CA  1 
ATOM   167 C C   . SER A 1 23 ? 4.859   -2.521  5.727   1.00 9.24  ? 17   SER A C   1 
ATOM   168 O O   . SER A 1 23 ? 3.735   -2.771  6.181   1.00 10.32 ? 17   SER A O   1 
ATOM   169 C CB  . SER A 1 23 ? 6.493   -1.687  7.388   1.00 8.95  ? 17   SER A CB  1 
ATOM   170 O OG  . SER A 1 23 ? 7.210   -0.580  7.894   1.00 10.14 ? 17   SER A OG  1 
ATOM   171 N N   . PHE A 1 24 ? 5.464   -3.285  4.835   1.00 8.81  ? 18   PHE A N   1 
ATOM   172 C CA  . PHE A 1 24 ? 4.857   -4.521  4.386   1.00 9.04  ? 18   PHE A CA  1 
ATOM   173 C C   . PHE A 1 24 ? 5.907   -5.457  3.831   1.00 9.64  ? 18   PHE A C   1 
ATOM   174 O O   . PHE A 1 24 ? 7.036   -5.048  3.552   1.00 9.56  ? 18   PHE A O   1 
ATOM   175 C CB  . PHE A 1 24 ? 3.757   -4.268  3.333   1.00 9.47  ? 18   PHE A CB  1 
ATOM   176 C CG  . PHE A 1 24 ? 4.171   -3.324  2.233   1.00 9.67  ? 18   PHE A CG  1 
ATOM   177 C CD1 . PHE A 1 24 ? 4.991   -3.750  1.194   1.00 10.68 ? 18   PHE A CD1 1 
ATOM   178 C CD2 . PHE A 1 24 ? 3.765   -1.997  2.253   1.00 12.45 ? 18   PHE A CD2 1 
ATOM   179 C CE1 . PHE A 1 24 ? 5.390   -2.870  0.172   1.00 11.42 ? 18   PHE A CE1 1 
ATOM   180 C CE2 . PHE A 1 24 ? 4.144   -1.114  1.225   1.00 13.68 ? 18   PHE A CE2 1 
ATOM   181 C CZ  . PHE A 1 24 ? 4.969   -1.551  0.190   1.00 13.34 ? 18   PHE A CZ  1 
ATOM   182 N N   . ASN A 1 25 ? 5.499   -6.718  3.703   1.00 10.13 ? 19   ASN A N   1 
ATOM   183 C CA  . ASN A 1 25 ? 6.310   -7.784  3.157   1.00 10.89 ? 19   ASN A CA  1 
ATOM   184 C C   . ASN A 1 25 ? 5.956   -8.034  1.702   1.00 11.06 ? 19   ASN A C   1 
ATOM   185 O O   . ASN A 1 25 ? 4.842   -7.741  1.255   1.00 10.78 ? 19   ASN A O   1 
ATOM   186 C CB  . ASN A 1 25 ? 6.053   -9.075  3.935   1.00 11.26 ? 19   ASN A CB  1 
ATOM   187 C CG  . ASN A 1 25 ? 6.566   -9.026  5.365   1.00 14.26 ? 19   ASN A CG  1 
ATOM   188 O OD1 . ASN A 1 25 ? 6.033   -9.707  6.236   1.00 19.91 ? 19   ASN A OD1 1 
ATOM   189 N ND2 . ASN A 1 25 ? 7.593   -8.235  5.614   1.00 15.74 ? 19   ASN A ND2 1 
ATOM   190 N N   . ALA A 1 26 ? 6.902   -8.583  0.946   1.00 11.06 ? 20   ALA A N   1 
ATOM   191 C CA  . ALA A 1 26 ? 6.600   -8.994  -0.417  1.00 11.46 ? 20   ALA A CA  1 
ATOM   192 C C   . ALA A 1 26 ? 5.388   -9.934  -0.412  1.00 11.41 ? 20   ALA A C   1 
ATOM   193 O O   . ALA A 1 26 ? 5.262   -10.784 0.469   1.00 12.20 ? 20   ALA A O   1 
ATOM   194 C CB  . ALA A 1 26 ? 7.816   -9.671  -1.056  1.00 11.66 ? 20   ALA A CB  1 
ATOM   195 N N   . ASN A 1 27 ? 4.502   -9.743  -1.384  1.00 11.79 ? 21   ASN A N   1 
ATOM   196 C CA  . ASN A 1 27 ? 3.280   -10.540 -1.550  1.00 11.49 ? 21   ASN A CA  1 
ATOM   197 C C   . ASN A 1 27 ? 2.128   -10.182 -0.610  1.00 10.88 ? 21   ASN A C   1 
ATOM   198 O O   . ASN A 1 27 ? 1.057   -10.771 -0.713  1.00 11.32 ? 21   ASN A O   1 
ATOM   199 C CB  . ASN A 1 27 ? 3.540   -12.061 -1.514  1.00 12.03 ? 21   ASN A CB  1 
ATOM   200 C CG  . ASN A 1 27 ? 4.573   -12.492 -2.518  1.00 15.42 ? 21   ASN A CG  1 
ATOM   201 O OD1 . ASN A 1 27 ? 5.499   -13.260 -2.199  1.00 20.97 ? 21   ASN A OD1 1 
ATOM   202 N ND2 . ASN A 1 27 ? 4.448   -11.996 -3.731  1.00 15.91 ? 21   ASN A ND2 1 
ATOM   203 N N   . ASP A 1 28 ? 2.349   -9.232  0.296   1.00 10.15 ? 22   ASP A N   1 
ATOM   204 C CA  . ASP A 1 28 ? 1.252   -8.726  1.125   1.00 10.85 ? 22   ASP A CA  1 
ATOM   205 C C   . ASP A 1 28 ? 0.225   -8.048  0.241   1.00 10.78 ? 22   ASP A C   1 
ATOM   206 O O   . ASP A 1 28 ? 0.572   -7.415  -0.766  1.00 10.83 ? 22   ASP A O   1 
ATOM   207 C CB  . ASP A 1 28 ? 1.747   -7.719  2.164   1.00 10.52 ? 22   ASP A CB  1 
ATOM   208 C CG  . ASP A 1 28 ? 2.286   -8.380  3.417   1.00 10.94 ? 22   ASP A CG  1 
ATOM   209 O OD1 . ASP A 1 28 ? 2.060   -9.589  3.628   1.00 14.21 ? 22   ASP A OD1 1 
ATOM   210 O OD2 . ASP A 1 28 ? 2.930   -7.661  4.196   1.00 10.56 ? 22   ASP A OD2 1 
ATOM   211 N N   . ILE A 1 29 ? -1.039  -8.202  0.620   1.00 10.52 ? 23   ILE A N   1 
ATOM   212 C CA  . ILE A 1 29 ? -2.138  -7.506  -0.034  1.00 10.84 ? 23   ILE A CA  1 
ATOM   213 C C   . ILE A 1 29 ? -2.536  -6.281  0.788   1.00 10.68 ? 23   ILE A C   1 
ATOM   214 O O   . ILE A 1 29 ? -2.939  -6.391  1.964   1.00 10.57 ? 23   ILE A O   1 
ATOM   215 C CB  . ILE A 1 29 ? -3.345  -8.434  -0.254  1.00 11.01 ? 23   ILE A CB  1 
ATOM   216 C CG1 . ILE A 1 29 ? -2.943  -9.677  -1.072  1.00 13.09 ? 23   ILE A CG1 1 
ATOM   217 C CG2 . ILE A 1 29 ? -4.483  -7.664  -0.914  1.00 12.46 ? 23   ILE A CG2 1 
ATOM   218 C CD1 . ILE A 1 29 ? -2.315  -9.385  -2.409  1.00 15.92 ? 23   ILE A CD1 1 
ATOM   219 N N   . ILE A 1 30 ? -2.430  -5.119  0.155   1.00 9.67  ? 24   ILE A N   1 
ATOM   220 C CA  . ILE A 1 30 ? -2.649  -3.845  0.816   1.00 9.83  ? 24   ILE A CA  1 
ATOM   221 C C   . ILE A 1 30 ? -3.952  -3.239  0.311   1.00 10.11 ? 24   ILE A C   1 
ATOM   222 O O   . ILE A 1 30 ? -4.225  -3.224  -0.896  1.00 10.28 ? 24   ILE A O   1 
ATOM   223 C CB  . ILE A 1 30 ? -1.496  -2.875  0.520   1.00 9.67  ? 24   ILE A CB  1 
ATOM   224 C CG1 . ILE A 1 30 ? -0.170  -3.458  1.032   1.00 10.47 ? 24   ILE A CG1 1 
ATOM   225 C CG2 . ILE A 1 30 ? -1.771  -1.499  1.114   1.00 9.36  ? 24   ILE A CG2 1 
ATOM   226 C CD1 . ILE A 1 30 ? 1.043   -2.895  0.307   1.00 13.14 ? 24   ILE A CD1 1 
ATOM   227 N N   . ASP A 1 31 ? -4.759  -2.742  1.233   1.00 9.96  ? 25   ASP A N   1 
ATOM   228 C CA  . ASP A 1 31 ? -5.949  -2.003  0.865   1.00 9.82  ? 25   ASP A CA  1 
ATOM   229 C C   . ASP A 1 31 ? -5.592  -0.564  0.561   1.00 9.74  ? 25   ASP A C   1 
ATOM   230 O O   . ASP A 1 31 ? -5.009  0.122   1.376   1.00 10.28 ? 25   ASP A O   1 
ATOM   231 C CB  . ASP A 1 31 ? -6.970  -2.089  1.991   1.00 10.46 ? 25   ASP A CB  1 
ATOM   232 C CG  . ASP A 1 31 ? -7.493  -3.480  2.147   1.00 12.29 ? 25   ASP A CG  1 
ATOM   233 O OD1 . ASP A 1 31 ? -8.156  -3.958  1.215   1.00 15.38 ? 25   ASP A OD1 1 
ATOM   234 O OD2 . ASP A 1 31 ? -7.225  -4.114  3.191   1.00 18.45 ? 25   ASP A OD2 1 
ATOM   235 N N   . ILE A 1 32 ? -5.971  -0.100  -0.621  1.00 9.43  ? 26   ILE A N   1 
ATOM   236 C CA  . ILE A 1 32 ? -5.651  1.258   -1.021  1.00 9.75  ? 26   ILE A CA  1 
ATOM   237 C C   . ILE A 1 32 ? -6.742  2.214   -0.546  1.00 10.45 ? 26   ILE A C   1 
ATOM   238 O O   . ILE A 1 32 ? -7.936  2.007   -0.822  1.00 10.97 ? 26   ILE A O   1 
ATOM   239 C CB  . ILE A 1 32 ? -5.486  1.371   -2.542  1.00 9.63  ? 26   ILE A CB  1 
ATOM   240 C CG1 . ILE A 1 32 ? -4.330  0.491   -3.018  1.00 9.38  ? 26   ILE A CG1 1 
ATOM   241 C CG2 . ILE A 1 32 ? -5.205  2.825   -2.933  1.00 9.84  ? 26   ILE A CG2 1 
ATOM   242 C CD1 . ILE A 1 32 ? -4.274  0.358   -4.528  1.00 9.22  ? 26   ILE A CD1 1 
ATOM   243 N N   . ILE A 1 33 ? -6.309  3.267   0.142   1.00 10.92 ? 27   ILE A N   1 
ATOM   244 C CA  . ILE A 1 33 ? -7.210  4.283   0.687   1.00 12.27 ? 27   ILE A CA  1 
ATOM   245 C C   . ILE A 1 33 ? -7.151  5.565   -0.132  1.00 12.90 ? 27   ILE A C   1 
ATOM   246 O O   . ILE A 1 33 ? -8.183  6.198   -0.377  1.00 13.36 ? 27   ILE A O   1 
ATOM   247 C CB  . ILE A 1 33 ? -6.876  4.588   2.172   1.00 12.07 ? 27   ILE A CB  1 
ATOM   248 C CG1 . ILE A 1 33 ? -6.739  3.288   2.975   1.00 14.24 ? 27   ILE A CG1 1 
ATOM   249 C CG2 . ILE A 1 33 ? -7.909  5.527   2.784   1.00 14.24 ? 27   ILE A CG2 1 
ATOM   250 C CD1 . ILE A 1 33 ? -7.981  2.438   2.990   1.00 13.39 ? 27   ILE A CD1 1 
ATOM   251 N N   . LYS A 1 34 ? -5.945  5.947   -0.552  1.00 13.56 ? 28   LYS A N   1 
ATOM   252 C CA  . LYS A 1 34 ? -5.737  7.154   -1.345  1.00 13.99 ? 28   LYS A CA  1 
ATOM   253 C C   . LYS A 1 34 ? -4.597  6.929   -2.317  1.00 13.76 ? 28   LYS A C   1 
ATOM   254 O O   . LYS A 1 34 ? -3.609  6.242   -1.991  1.00 13.52 ? 28   LYS A O   1 
ATOM   255 C CB  . LYS A 1 34 ? -5.388  8.343   -0.450  1.00 14.86 ? 28   LYS A CB  1 
ATOM   256 C CG  . LYS A 1 34 ? -6.429  8.659   0.606   1.00 18.45 ? 28   LYS A CG  1 
ATOM   257 C CD  . LYS A 1 34 ? -5.822  9.444   1.773   1.00 23.34 ? 28   LYS A CD  1 
ATOM   258 C CE  . LYS A 1 34 ? -6.777  9.495   2.952   1.00 25.09 ? 28   LYS A CE  1 
ATOM   259 N NZ  . LYS A 1 34 ? -6.078  10.062  4.145   1.00 29.18 ? 28   LYS A NZ  1 
ATOM   260 N N   . GLU A 1 35 ? -4.731  7.502   -3.509  1.00 12.75 ? 29   GLU A N   1 
ATOM   261 C CA  . GLU A 1 35 ? -3.673  7.418   -4.507  1.00 13.31 ? 29   GLU A CA  1 
ATOM   262 C C   . GLU A 1 35 ? -3.147  8.795   -4.880  1.00 14.31 ? 29   GLU A C   1 
ATOM   263 O O   . GLU A 1 35 ? -3.533  9.373   -5.911  1.00 15.14 ? 29   GLU A O   1 
ATOM   264 C CB  . GLU A 1 35 ? -4.170  6.675   -5.745  1.00 12.94 ? 29   GLU A CB  1 
ATOM   265 C CG  . GLU A 1 35 ? -4.446  5.220   -5.451  1.00 12.62 ? 29   GLU A CG  1 
ATOM   266 C CD  . GLU A 1 35 ? -4.989  4.437   -6.609  1.00 13.70 ? 29   GLU A CD  1 
ATOM   267 O OE1 . GLU A 1 35 ? -5.018  4.942   -7.752  1.00 13.26 ? 29   GLU A OE1 1 
ATOM   268 O OE2 . GLU A 1 35 ? -5.395  3.286   -6.370  1.00 12.37 ? 29   GLU A OE2 1 
ATOM   269 N N   . ASP A 1 36 ? -2.275  9.337   -4.039  1.00 14.29 ? 30   ASP A N   1 
ATOM   270 C CA  . ASP A 1 36 ? -1.646  10.613  -4.346  1.00 14.40 ? 30   ASP A CA  1 
ATOM   271 C C   . ASP A 1 36 ? -0.872  10.531  -5.664  1.00 14.33 ? 30   ASP A C   1 
ATOM   272 O O   . ASP A 1 36 ? -0.182  9.540   -5.904  1.00 14.05 ? 30   ASP A O   1 
ATOM   273 C CB  . ASP A 1 36 ? -0.694  11.038  -3.239  1.00 14.57 ? 30   ASP A CB  1 
ATOM   274 C CG  . ASP A 1 36 ? -0.239  12.479  -3.412  1.00 16.55 ? 30   ASP A CG  1 
ATOM   275 O OD1 . ASP A 1 36 ? -1.013  13.392  -3.028  1.00 20.85 ? 30   ASP A OD1 1 
ATOM   276 O OD2 . ASP A 1 36 ? 0.855   12.709  -3.967  1.00 15.07 ? 30   ASP A OD2 1 
ATOM   277 N N   . PRO A 1 37 ? -1.001  11.561  -6.529  1.00 14.33 ? 31   PRO A N   1 
ATOM   278 C CA  . PRO A 1 37 ? -0.253  11.586  -7.804  1.00 14.30 ? 31   PRO A CA  1 
ATOM   279 C C   . PRO A 1 37 ? 1.268   11.430  -7.688  1.00 13.73 ? 31   PRO A C   1 
ATOM   280 O O   . PRO A 1 37 ? 1.913   11.030  -8.659  1.00 13.10 ? 31   PRO A O   1 
ATOM   281 C CB  . PRO A 1 37 ? -0.592  12.961  -8.390  1.00 14.77 ? 31   PRO A CB  1 
ATOM   282 C CG  . PRO A 1 37 ? -1.885  13.328  -7.775  1.00 16.03 ? 31   PRO A CG  1 
ATOM   283 C CD  . PRO A 1 37 ? -1.904  12.721  -6.402  1.00 14.63 ? 31   PRO A CD  1 
ATOM   284 N N   . SER A 1 38 ? 1.840   11.747  -6.525  1.00 13.35 ? 32   SER A N   1 
ATOM   285 C CA  . SER A 1 38 ? 3.284   11.548  -6.321  1.00 13.45 ? 32   SER A CA  1 
ATOM   286 C C   . SER A 1 38 ? 3.675   10.071  -6.347  1.00 13.29 ? 32   SER A C   1 
ATOM   287 O O   . SER A 1 38 ? 4.849   9.739   -6.511  1.00 14.07 ? 32   SER A O   1 
ATOM   288 C CB  . SER A 1 38 ? 3.723   12.145  -4.992  1.00 13.39 ? 32   SER A CB  1 
ATOM   289 O OG  . SER A 1 38 ? 3.158   11.402  -3.927  1.00 13.88 ? 32   SER A OG  1 
ATOM   290 N N   . GLY A 1 39 ? 2.706   9.186   -6.143  1.00 12.96 ? 33   GLY A N   1 
ATOM   291 C CA  . GLY A 1 39 ? 2.996   7.754   -6.053  1.00 11.96 ? 33   GLY A CA  1 
ATOM   292 C C   . GLY A 1 39 ? 3.133   7.311   -4.599  1.00 12.75 ? 33   GLY A C   1 
ATOM   293 O O   . GLY A 1 39 ? 3.272   6.107   -4.323  1.00 12.59 ? 33   GLY A O   1 
ATOM   294 N N   . TRP A 1 40 ? 3.077   8.269   -3.668  1.00 12.00 ? 34   TRP A N   1 
ATOM   295 C CA  . TRP A 1 40 ? 2.998   7.922   -2.258  1.00 12.00 ? 34   TRP A CA  1 
ATOM   296 C C   . TRP A 1 40 ? 1.540   7.652   -1.944  1.00 12.06 ? 34   TRP A C   1 
ATOM   297 O O   . TRP A 1 40 ? 0.759   8.586   -1.684  1.00 12.90 ? 34   TRP A O   1 
ATOM   298 C CB  . TRP A 1 40 ? 3.488   9.040   -1.370  1.00 12.68 ? 34   TRP A CB  1 
ATOM   299 C CG  . TRP A 1 40 ? 4.965   9.092   -1.204  1.00 12.61 ? 34   TRP A CG  1 
ATOM   300 C CD1 . TRP A 1 40 ? 5.822   10.022  -1.736  1.00 14.04 ? 34   TRP A CD1 1 
ATOM   301 C CD2 . TRP A 1 40 ? 5.771   8.214   -0.410  1.00 11.67 ? 34   TRP A CD2 1 
ATOM   302 N NE1 . TRP A 1 40 ? 7.108   9.766   -1.329  1.00 15.64 ? 34   TRP A NE1 1 
ATOM   303 C CE2 . TRP A 1 40 ? 7.107   8.670   -0.509  1.00 14.14 ? 34   TRP A CE2 1 
ATOM   304 C CE3 . TRP A 1 40 ? 5.490   7.106   0.394   1.00 11.77 ? 34   TRP A CE3 1 
ATOM   305 C CZ2 . TRP A 1 40 ? 8.167   8.031   0.142   1.00 13.51 ? 34   TRP A CZ2 1 
ATOM   306 C CZ3 . TRP A 1 40 ? 6.547   6.473   1.043   1.00 13.26 ? 34   TRP A CZ3 1 
ATOM   307 C CH2 . TRP A 1 40 ? 7.863   6.943   0.915   1.00 13.89 ? 34   TRP A CH2 1 
ATOM   308 N N   . TRP A 1 41 ? 1.172   6.380   -1.989  1.00 10.58 ? 35   TRP A N   1 
ATOM   309 C CA  . TRP A 1 41 ? -0.211  6.012   -1.778  1.00 10.46 ? 35   TRP A CA  1 
ATOM   310 C C   . TRP A 1 41 ? -0.463  5.769   -0.308  1.00 10.69 ? 35   TRP A C   1 
ATOM   311 O O   . TRP A 1 41 ? 0.463   5.507   0.446   1.00 11.32 ? 35   TRP A O   1 
ATOM   312 C CB  . TRP A 1 41 ? -0.547  4.759   -2.557  1.00 10.38 ? 35   TRP A CB  1 
ATOM   313 C CG  . TRP A 1 41 ? -0.575  4.955   -4.040  1.00 9.73  ? 35   TRP A CG  1 
ATOM   314 C CD1 . TRP A 1 41 ? -0.458  6.129   -4.728  1.00 10.24 ? 35   TRP A CD1 1 
ATOM   315 C CD2 . TRP A 1 41 ? -0.778  3.931   -5.007  1.00 9.02  ? 35   TRP A CD2 1 
ATOM   316 N NE1 . TRP A 1 41 ? -0.580  5.887   -6.082  1.00 8.80  ? 35   TRP A NE1 1 
ATOM   317 C CE2 . TRP A 1 41 ? -0.772  4.542   -6.274  1.00 8.63  ? 35   TRP A CE2 1 
ATOM   318 C CE3 . TRP A 1 41 ? -0.957  2.543   -4.921  1.00 9.18  ? 35   TRP A CE3 1 
ATOM   319 C CZ2 . TRP A 1 41 ? -0.925  3.810   -7.462  1.00 9.71  ? 35   TRP A CZ2 1 
ATOM   320 C CZ3 . TRP A 1 41 ? -1.110  1.806   -6.100  1.00 10.93 ? 35   TRP A CZ3 1 
ATOM   321 C CH2 . TRP A 1 41 ? -1.104  2.449   -7.353  1.00 9.68  ? 35   TRP A CH2 1 
ATOM   322 N N   . THR A 1 42 ? -1.729  5.841   0.088   1.00 10.45 ? 36   THR A N   1 
ATOM   323 C CA  . THR A 1 42 ? -2.105  5.552   1.456   1.00 10.13 ? 36   THR A CA  1 
ATOM   324 C C   . THR A 1 42 ? -2.767  4.190   1.475   1.00 10.00 ? 36   THR A C   1 
ATOM   325 O O   . THR A 1 42 ? -3.729  3.932   0.736   1.00 10.73 ? 36   THR A O   1 
ATOM   326 C CB  . THR A 1 42 ? -3.088  6.605   1.999   1.00 9.69  ? 36   THR A CB  1 
ATOM   327 O OG1 . THR A 1 42 ? -2.492  7.907   1.923   1.00 12.02 ? 36   THR A OG1 1 
ATOM   328 C CG2 . THR A 1 42 ? -3.451  6.287   3.438   1.00 10.88 ? 36   THR A CG2 1 
ATOM   329 N N   . GLY A 1 43 ? -2.233  3.301   2.305   1.00 9.79  ? 37   GLY A N   1 
ATOM   330 C CA  . GLY A 1 43 ? -2.733  1.942   2.374   1.00 10.25 ? 37   GLY A CA  1 
ATOM   331 C C   . GLY A 1 43 ? -3.028  1.497   3.789   1.00 10.16 ? 37   GLY A C   1 
ATOM   332 O O   . GLY A 1 43 ? -2.593  2.138   4.742   1.00 10.98 ? 37   GLY A O   1 
ATOM   333 N N   . ARG A 1 44 ? -3.774  0.399   3.900   1.00 10.57 ? 38   ARG A N   1 
ATOM   334 C CA  . ARG A 1 44 ? -4.037  -0.248  5.177   1.00 10.80 ? 38   ARG A CA  1 
ATOM   335 C C   . ARG A 1 44 ? -3.694  -1.713  5.065   1.00 10.65 ? 38   ARG A C   1 
ATOM   336 O O   . ARG A 1 44 ? -3.978  -2.366  4.071   1.00 10.19 ? 38   ARG A O   1 
ATOM   337 C CB  . ARG A 1 44 ? -5.500  -0.069  5.613   1.00 11.11 ? 38   ARG A CB  1 
ATOM   338 C CG  . ARG A 1 44 ? -5.826  1.344   6.024   1.00 12.78 ? 38   ARG A CG  1 
ATOM   339 C CD  . ARG A 1 44 ? -7.323  1.502   6.367   1.00 13.08 ? 38   ARG A CD  1 
ATOM   340 N NE  . ARG A 1 44 ? -7.620  2.907   6.642   1.00 17.88 ? 38   ARG A NE  1 
ATOM   341 C CZ  . ARG A 1 44 ? -8.827  3.466   6.517   1.00 20.27 ? 38   ARG A CZ  1 
ATOM   342 N NH1 . ARG A 1 44 ? -9.865  2.751   6.099   1.00 22.29 ? 38   ARG A NH1 1 
ATOM   343 N NH2 . ARG A 1 44 ? -8.984  4.755   6.785   1.00 21.52 ? 38   ARG A NH2 1 
ATOM   344 N N   . LEU A 1 45 ? -3.068  -2.226  6.111   1.00 9.57  ? 39   LEU A N   1 
ATOM   345 C CA  . LEU A 1 45 ? -2.637  -3.611  6.147   1.00 9.97  ? 39   LEU A CA  1 
ATOM   346 C C   . LEU A 1 45 ? -2.534  -3.968  7.613   1.00 9.65  ? 39   LEU A C   1 
ATOM   347 O O   . LEU A 1 45 ? -1.840  -3.285  8.363   1.00 10.22 ? 39   LEU A O   1 
ATOM   348 C CB  . LEU A 1 45 ? -1.261  -3.763  5.495   1.00 10.41 ? 39   LEU A CB  1 
ATOM   349 C CG  . LEU A 1 45 ? -0.558  -5.120  5.548   1.00 10.30 ? 39   LEU A CG  1 
ATOM   350 C CD1 . LEU A 1 45 ? -1.374  -6.247  4.868   1.00 12.47 ? 39   LEU A CD1 1 
ATOM   351 C CD2 . LEU A 1 45 ? 0.842   -5.037  4.943   1.00 11.11 ? 39   LEU A CD2 1 
ATOM   352 N N   . ARG A 1 46 ? -3.242  -5.023  8.019   1.00 10.21 ? 40   ARG A N   1 
ATOM   353 C CA  . ARG A 1 46 ? -3.099  -5.610  9.354   1.00 10.38 ? 40   ARG A CA  1 
ATOM   354 C C   . ARG A 1 46 ? -3.135  -4.588  10.495  1.00 10.09 ? 40   ARG A C   1 
ATOM   355 O O   . ARG A 1 46 ? -2.298  -4.617  11.392  1.00 10.79 ? 40   ARG A O   1 
ATOM   356 C CB  . ARG A 1 46 ? -1.801  -6.408  9.442   1.00 10.08 ? 40   ARG A CB  1 
ATOM   357 C CG  . ARG A 1 46 ? -1.755  -7.617  8.534   1.00 13.08 ? 40   ARG A CG  1 
ATOM   358 C CD  . ARG A 1 46 ? -0.565  -8.476  8.872   1.00 12.77 ? 40   ARG A CD  1 
ATOM   359 N NE  . ARG A 1 46 ? 0.698   -7.868  8.452   1.00 15.26 ? 40   ARG A NE  1 
ATOM   360 C CZ  . ARG A 1 46 ? 1.273   -8.080  7.265   1.00 15.05 ? 40   ARG A CZ  1 
ATOM   361 N NH1 . ARG A 1 46 ? 0.686   -8.858  6.369   1.00 15.89 ? 40   ARG A NH1 1 
ATOM   362 N NH2 . ARG A 1 46 ? 2.434   -7.504  6.972   1.00 15.97 ? 40   ARG A NH2 1 
ATOM   363 N N   . GLY A 1 47 ? -4.103  -3.693  10.459  1.00 9.63  ? 41   GLY A N   1 
ATOM   364 C CA  . GLY A 1 47 ? -4.262  -2.727  11.548  1.00 9.95  ? 41   GLY A CA  1 
ATOM   365 C C   . GLY A 1 47 ? -3.287  -1.572  11.527  1.00 10.07 ? 41   GLY A C   1 
ATOM   366 O O   . GLY A 1 47 ? -3.052  -0.935  12.548  1.00 10.30 ? 41   GLY A O   1 
ATOM   367 N N   . LYS A 1 48 ? -2.704  -1.311  10.360  1.00 10.24 ? 42   LYS A N   1 
ATOM   368 C CA  . LYS A 1 48 ? -1.836  -0.166  10.167  1.00 11.02 ? 42   LYS A CA  1 
ATOM   369 C C   . LYS A 1 48 ? -2.331  0.622   8.960   1.00 11.46 ? 42   LYS A C   1 
ATOM   370 O O   . LYS A 1 48 ? -2.833  0.044   8.011   1.00 11.34 ? 42   LYS A O   1 
ATOM   371 C CB  . LYS A 1 48 ? -0.405  -0.640  9.911   1.00 11.21 ? 42   LYS A CB  1 
ATOM   372 C CG  . LYS A 1 48 ? 0.032   -1.746  10.897  1.00 12.71 ? 42   LYS A CG  1 
ATOM   373 C CD  . LYS A 1 48 ? 1.383   -2.335  10.570  1.00 12.98 ? 42   LYS A CD  1 
ATOM   374 C CE  . LYS A 1 48 ? 1.357   -3.063  9.232   1.00 13.68 ? 42   LYS A CE  1 
ATOM   375 N NZ  . LYS A 1 48 ? 2.776   -3.290  8.803   1.00 18.87 ? 42   LYS A NZ  1 
ATOM   376 N N   . GLN A 1 49 ? -2.186  1.936   9.018   1.00 11.93 ? 43   GLN A N   1 
ATOM   377 C CA  . GLN A 1 49 ? -2.456  2.772   7.868   1.00 12.78 ? 43   GLN A CA  1 
ATOM   378 C C   . GLN A 1 49 ? -1.253  3.659   7.665   1.00 12.67 ? 43   GLN A C   1 
ATOM   379 O O   . GLN A 1 49 ? -0.648  4.141   8.622   1.00 13.11 ? 43   GLN A O   1 
ATOM   380 C CB  . GLN A 1 49 ? -3.708  3.604   8.089   1.00 13.37 ? 43   GLN A CB  1 
ATOM   381 C CG  . GLN A 1 49 ? -3.939  4.598   6.960   1.00 16.44 ? 43   GLN A CG  1 
ATOM   382 C CD  . GLN A 1 49 ? -5.109  5.505   7.213   1.00 19.50 ? 43   GLN A CD  1 
ATOM   383 O OE1 . GLN A 1 49 ? -6.259  5.079   7.182   1.00 21.50 ? 43   GLN A OE1 1 
ATOM   384 N NE2 . GLN A 1 49 ? -4.820  6.776   7.443   1.00 24.20 ? 43   GLN A NE2 1 
ATOM   385 N N   . GLY A 1 50 ? -0.872  3.862   6.412   1.00 11.23 ? 44   GLY A N   1 
ATOM   386 C CA  . GLY A 1 50 ? 0.261   4.710   6.161   1.00 10.63 ? 44   GLY A CA  1 
ATOM   387 C C   . GLY A 1 50 ? 0.575   4.856   4.697   1.00 10.65 ? 44   GLY A C   1 
ATOM   388 O O   . GLY A 1 50 ? -0.039  4.211   3.852   1.00 11.25 ? 44   GLY A O   1 
ATOM   389 N N   . LEU A 1 51 ? 1.530   5.737   4.429   1.00 9.88  ? 45   LEU A N   1 
ATOM   390 C CA  . LEU A 1 51 ? 1.985   6.025   3.078   1.00 10.24 ? 45   LEU A CA  1 
ATOM   391 C C   . LEU A 1 51 ? 3.014   5.013   2.633   1.00 10.20 ? 45   LEU A C   1 
ATOM   392 O O   . LEU A 1 51 ? 3.869   4.594   3.404   1.00 10.45 ? 45   LEU A O   1 
ATOM   393 C CB  . LEU A 1 51 ? 2.612   7.410   3.041   1.00 10.71 ? 45   LEU A CB  1 
ATOM   394 C CG  . LEU A 1 51 ? 1.615   8.530   3.331   1.00 11.48 ? 45   LEU A CG  1 
ATOM   395 C CD1 . LEU A 1 51 ? 2.346   9.799   3.743   1.00 14.25 ? 45   LEU A CD1 1 
ATOM   396 C CD2 . LEU A 1 51 ? 0.722   8.747   2.101   1.00 12.10 ? 45   LEU A CD2 1 
ATOM   397 N N   . PHE A 1 52 ? 2.959   4.649   1.360   1.00 9.88  ? 46   PHE A N   1 
ATOM   398 C CA  . PHE A 1 52 ? 3.940   3.719   0.818   1.00 9.94  ? 46   PHE A CA  1 
ATOM   399 C C   . PHE A 1 52 ? 4.207   4.051   -0.643  1.00 10.10 ? 46   PHE A C   1 
ATOM   400 O O   . PHE A 1 52 ? 3.353   4.623   -1.313  1.00 9.53  ? 46   PHE A O   1 
ATOM   401 C CB  . PHE A 1 52 ? 3.452   2.265   0.963   1.00 10.21 ? 46   PHE A CB  1 
ATOM   402 C CG  . PHE A 1 52 ? 2.216   1.941   0.138   1.00 10.37 ? 46   PHE A CG  1 
ATOM   403 C CD1 . PHE A 1 52 ? 2.332   1.421   -1.159  1.00 9.73  ? 46   PHE A CD1 1 
ATOM   404 C CD2 . PHE A 1 52 ? 0.938   2.196   0.636   1.00 9.38  ? 46   PHE A CD2 1 
ATOM   405 C CE1 . PHE A 1 52 ? 1.191   1.127   -1.931  1.00 11.46 ? 46   PHE A CE1 1 
ATOM   406 C CE2 . PHE A 1 52 ? -0.199  1.921   -0.124  1.00 11.31 ? 46   PHE A CE2 1 
ATOM   407 C CZ  . PHE A 1 52 ? -0.080  1.382   -1.420  1.00 10.35 ? 46   PHE A CZ  1 
ATOM   408 N N   . PRO A 1 53 ? 5.398   3.703   -1.137  1.00 10.27 ? 47   PRO A N   1 
ATOM   409 C CA  . PRO A 1 53 ? 5.771   4.000   -2.516  1.00 10.39 ? 47   PRO A CA  1 
ATOM   410 C C   . PRO A 1 53 ? 5.110   3.051   -3.500  1.00 9.70  ? 47   PRO A C   1 
ATOM   411 O O   . PRO A 1 53 ? 5.269   1.834   -3.411  1.00 9.78  ? 47   PRO A O   1 
ATOM   412 C CB  . PRO A 1 53 ? 7.289   3.807   -2.514  1.00 10.41 ? 47   PRO A CB  1 
ATOM   413 C CG  . PRO A 1 53 ? 7.526   2.837   -1.422  1.00 11.14 ? 47   PRO A CG  1 
ATOM   414 C CD  . PRO A 1 53 ? 6.494   3.050   -0.390  1.00 11.07 ? 47   PRO A CD  1 
ATOM   415 N N   . ASN A 1 54 ? 4.354   3.603   -4.439  1.00 9.24  ? 48   ASN A N   1 
ATOM   416 C CA  . ASN A 1 54 ? 3.602   2.731   -5.332  1.00 8.97  ? 48   ASN A CA  1 
ATOM   417 C C   . ASN A 1 54 ? 4.460   1.895   -6.270  1.00 8.74  ? 48   ASN A C   1 
ATOM   418 O O   . ASN A 1 54 ? 3.962   0.928   -6.843  1.00 8.01  ? 48   ASN A O   1 
ATOM   419 C CB  . ASN A 1 54 ? 2.550   3.516   -6.103  1.00 9.44  ? 48   ASN A CB  1 
ATOM   420 C CG  . ASN A 1 54 ? 3.142   4.431   -7.177  1.00 10.24 ? 48   ASN A CG  1 
ATOM   421 O OD1 . ASN A 1 54 ? 4.349   4.708   -7.212  1.00 11.35 ? 48   ASN A OD1 1 
ATOM   422 N ND2 . ASN A 1 54 ? 2.266   4.927   -8.063  1.00 10.46 ? 48   ASN A ND2 1 
ATOM   423 N N   . ASN A 1 55 ? 5.740   2.239   -6.416  1.00 9.60  ? 49   ASN A N   1 
ATOM   424 C CA  . ASN A 1 55 ? 6.589   1.434   -7.298  1.00 10.30 ? 49   ASN A CA  1 
ATOM   425 C C   . ASN A 1 55 ? 6.931   0.075   -6.683  1.00 10.38 ? 49   ASN A C   1 
ATOM   426 O O   . ASN A 1 55 ? 7.467   -0.806  -7.365  1.00 11.47 ? 49   ASN A O   1 
ATOM   427 C CB  . ASN A 1 55 ? 7.847   2.196   -7.736  1.00 10.68 ? 49   ASN A CB  1 
ATOM   428 C CG  . ASN A 1 55 ? 8.683   2.667   -6.560  1.00 11.28 ? 49   ASN A CG  1 
ATOM   429 O OD1 . ASN A 1 55 ? 8.252   3.517   -5.773  1.00 15.23 ? 49   ASN A OD1 1 
ATOM   430 N ND2 . ASN A 1 55 ? 9.908   2.148   -6.460  1.00 13.65 ? 49   ASN A ND2 1 
ATOM   431 N N   . TYR A 1 56 ? 6.582   -0.110  -5.405  1.00 9.72  ? 50   TYR A N   1 
ATOM   432 C CA  . TYR A 1 56 ? 6.784   -1.391  -4.731  1.00 9.74  ? 50   TYR A CA  1 
ATOM   433 C C   . TYR A 1 56 ? 5.606   -2.347  -4.892  1.00 9.80  ? 50   TYR A C   1 
ATOM   434 O O   . TYR A 1 56 ? 5.668   -3.466  -4.398  1.00 11.10 ? 50   TYR A O   1 
ATOM   435 C CB  . TYR A 1 56 ? 7.043   -1.179  -3.232  1.00 9.83  ? 50   TYR A CB  1 
ATOM   436 C CG  . TYR A 1 56 ? 8.474   -0.828  -2.875  1.00 9.80  ? 50   TYR A CG  1 
ATOM   437 C CD1 . TYR A 1 56 ? 9.089   0.328   -3.370  1.00 10.52 ? 50   TYR A CD1 1 
ATOM   438 C CD2 . TYR A 1 56 ? 9.199   -1.629  -2.005  1.00 10.39 ? 50   TYR A CD2 1 
ATOM   439 C CE1 . TYR A 1 56 ? 10.417  0.665   -3.019  1.00 10.90 ? 50   TYR A CE1 1 
ATOM   440 C CE2 . TYR A 1 56 ? 10.524  -1.317  -1.662  1.00 9.95  ? 50   TYR A CE2 1 
ATOM   441 C CZ  . TYR A 1 56 ? 11.116  -0.164  -2.161  1.00 11.51 ? 50   TYR A CZ  1 
ATOM   442 O OH  . TYR A 1 56 ? 12.411  0.147   -1.819  1.00 11.63 ? 50   TYR A OH  1 
ATOM   443 N N   . VAL A 1 57 ? 4.548   -1.922  -5.583  1.00 8.99  ? 51   VAL A N   1 
ATOM   444 C CA  . VAL A 1 57 ? 3.336   -2.734  -5.637  1.00 9.23  ? 51   VAL A CA  1 
ATOM   445 C C   . VAL A 1 57 ? 2.782   -2.866  -7.045  1.00 9.82  ? 51   VAL A C   1 
ATOM   446 O O   . VAL A 1 57 ? 3.187   -2.147  -7.974  1.00 10.15 ? 51   VAL A O   1 
ATOM   447 C CB  . VAL A 1 57 ? 2.231   -2.168  -4.708  1.00 9.26  ? 51   VAL A CB  1 
ATOM   448 C CG1 . VAL A 1 57 ? 2.780   -1.889  -3.303  1.00 9.22  ? 51   VAL A CG1 1 
ATOM   449 C CG2 . VAL A 1 57 ? 1.624   -0.892  -5.329  1.00 8.81  ? 51   VAL A CG2 1 
ATOM   450 N N   . THR A 1 58 ? 1.866   -3.812  -7.208  1.00 9.80  ? 52   THR A N   1 
ATOM   451 C CA  . THR A 1 58 ? 1.066   -3.853  -8.422  1.00 10.07 ? 52   THR A CA  1 
ATOM   452 C C   . THR A 1 58 ? -0.413  -3.913  -8.055  1.00 9.88  ? 52   THR A C   1 
ATOM   453 O O   . THR A 1 58 ? -0.816  -4.756  -7.238  1.00 9.18  ? 52   THR A O   1 
ATOM   454 C CB  . THR A 1 58 ? 1.461   -5.031  -9.330  1.00 10.58 ? 52   THR A CB  1 
ATOM   455 O OG1 . THR A 1 58 ? 0.619   -5.030  -10.494 1.00 13.59 ? 52   THR A OG1 1 
ATOM   456 C CG2 . THR A 1 58 ? 1.326   -6.369  -8.591  1.00 10.82 ? 52   THR A CG2 1 
ATOM   457 N N   . LYS A 1 59 ? -1.213  -3.014  -8.633  1.00 9.98  ? 53   LYS A N   1 
ATOM   458 C CA  . LYS A 1 59 ? -2.652  -3.035  -8.418  1.00 10.95 ? 53   LYS A CA  1 
ATOM   459 C C   . LYS A 1 59 ? -3.198  -4.402  -8.826  1.00 11.37 ? 53   LYS A C   1 
ATOM   460 O O   . LYS A 1 59 ? -2.699  -5.014  -9.769  1.00 12.37 ? 53   LYS A O   1 
ATOM   461 C CB  . LYS A 1 59 ? -3.339  -1.892  -9.188  1.00 10.06 ? 53   LYS A CB  1 
ATOM   462 C CG  . LYS A 1 59 ? -3.107  -0.513  -8.546  1.00 12.00 ? 53   LYS A CG  1 
ATOM   463 C CD  . LYS A 1 59 ? -3.621  0.673   -9.393  1.00 12.27 ? 53   LYS A CD  1 
ATOM   464 C CE  . LYS A 1 59 ? -5.144  0.841   -9.310  1.00 19.19 ? 53   LYS A CE  1 
ATOM   465 N NZ  . LYS A 1 59 ? -5.718  1.558   -8.092  1.00 14.29 ? 53   LYS A NZ  1 
ATOM   466 N N   . ILE A 1 60 ? -4.198  -4.890  -8.094  1.00 12.08 ? 54   ILE A N   1 
ATOM   467 C CA  . ILE A 1 60 ? -4.868  -6.149  -8.447  1.00 13.75 ? 54   ILE A CA  1 
ATOM   468 C C   . ILE A 1 60 ? -6.370  -5.928  -8.534  1.00 14.60 ? 54   ILE A C   1 
ATOM   469 O O   . ILE A 1 60 ? -7.139  -6.845  -8.822  1.00 15.88 ? 54   ILE A O   1 
ATOM   470 C CB  . ILE A 1 60 ? -4.554  -7.287  -7.451  1.00 13.77 ? 54   ILE A CB  1 
ATOM   471 C CG1 . ILE A 1 60 ? -4.969  -6.909  -6.030  1.00 13.78 ? 54   ILE A CG1 1 
ATOM   472 C CG2 . ILE A 1 60 ? -3.068  -7.670  -7.523  1.00 14.69 ? 54   ILE A CG2 1 
ATOM   473 C CD1 . ILE A 1 60 ? -4.767  -8.042  -5.028  1.00 13.21 ? 54   ILE A CD1 1 
ATOM   474 O OXT . ILE A 1 60 ? -6.844  -4.817  -8.312  1.00 15.70 ? 54   ILE A OXT 1 
HETATM 475 N N1  . DIA B 2 .  ? 7.156   9.921   4.744   0.50 15.96 ? 1055 DIA A N1  1 
HETATM 476 C C1  . DIA B 2 .  ? 6.369   10.100  3.512   0.50 17.53 ? 1055 DIA A C1  1 
HETATM 477 C C2  . DIA B 2 .  ? 6.576   11.513  2.962   0.50 17.54 ? 1055 DIA A C2  1 
HETATM 478 C C3  . DIA B 2 .  ? 6.169   11.578  1.490   0.50 18.10 ? 1055 DIA A C3  1 
HETATM 479 C C4  . DIA B 2 .  ? 5.048   12.599  1.302   0.50 18.36 ? 1055 DIA A C4  1 
HETATM 480 C C5  . DIA B 2 .  ? 3.669   11.934  1.209   0.50 18.97 ? 1055 DIA A C5  1 
HETATM 481 C C6  . DIA B 2 .  ? 2.628   12.862  0.569   0.50 18.25 ? 1055 DIA A C6  1 
HETATM 482 C C7  . DIA B 2 .  ? 1.367   13.022  1.437   0.50 17.65 ? 1055 DIA A C7  1 
HETATM 483 C C8  . DIA B 2 .  ? 0.489   14.168  0.913   0.50 17.57 ? 1055 DIA A C8  1 
HETATM 484 N N8  . DIA B 2 .  ? -0.692  14.330  1.777   0.50 16.34 ? 1055 DIA A N8  1 
HETATM 485 O O   . HOH C 3 .  ? -14.232 -4.543  -0.781  1.00 23.50 ? 2001 HOH A O   1 
HETATM 486 O O   . HOH C 3 .  ? -13.152 -0.815  1.889   0.50 21.08 ? 2002 HOH A O   1 
HETATM 487 O O   . HOH C 3 .  ? -10.414 0.042   1.336   1.00 26.06 ? 2003 HOH A O   1 
HETATM 488 O O   . HOH C 3 .  ? -11.036 -5.828  -2.594  1.00 24.26 ? 2004 HOH A O   1 
HETATM 489 O O   . HOH C 3 .  ? -12.494 -3.335  2.506   1.00 34.26 ? 2005 HOH A O   1 
HETATM 490 O O   . HOH C 3 .  ? -12.296 -6.199  -0.133  1.00 35.61 ? 2006 HOH A O   1 
HETATM 491 O O   . HOH C 3 .  ? 14.825  0.941   5.382   1.00 43.72 ? 2007 HOH A O   1 
HETATM 492 O O   . HOH C 3 .  ? -12.946 -7.747  -6.247  1.00 22.80 ? 2008 HOH A O   1 
HETATM 493 O O   . HOH C 3 .  ? -17.450 -2.585  -3.653  1.00 24.85 ? 2009 HOH A O   1 
HETATM 494 O O   . HOH C 3 .  ? -22.643 -3.217  -3.686  1.00 50.84 ? 2010 HOH A O   1 
HETATM 495 O O   . HOH C 3 .  ? -18.454 -6.595  -4.216  1.00 42.17 ? 2011 HOH A O   1 
HETATM 496 O O   . HOH C 3 .  ? -9.364  -1.986  -0.249  1.00 14.24 ? 2012 HOH A O   1 
HETATM 497 O O   . HOH C 3 .  ? -11.453 -7.542  -4.119  1.00 37.46 ? 2013 HOH A O   1 
HETATM 498 O O   . HOH C 3 .  ? -11.089 -8.239  -7.922  1.00 33.70 ? 2014 HOH A O   1 
HETATM 499 O O   . HOH C 3 .  ? -8.235  -8.969  1.308   1.00 35.89 ? 2015 HOH A O   1 
HETATM 500 O O   . HOH C 3 .  ? -6.320  -1.223  -7.173  1.00 16.19 ? 2016 HOH A O   1 
HETATM 501 O O   . HOH C 3 .  ? -8.716  -7.036  -4.737  1.00 17.35 ? 2017 HOH A O   1 
HETATM 502 O O   . HOH C 3 .  ? -7.394  -9.928  -1.886  1.00 33.87 ? 2018 HOH A O   1 
HETATM 503 O O   . HOH C 3 .  ? 8.197   -12.328 3.710   1.00 34.15 ? 2019 HOH A O   1 
HETATM 504 O O   . HOH C 3 .  ? 9.544   -9.904  -5.866  1.00 22.87 ? 2020 HOH A O   1 
HETATM 505 O O   . HOH C 3 .  ? -8.967  -1.930  5.667   1.00 26.95 ? 2021 HOH A O   1 
HETATM 506 O O   . HOH C 3 .  ? -10.110 8.244   3.213   0.50 30.32 ? 2022 HOH A O   1 
HETATM 507 O O   . HOH C 3 .  ? 14.869  -1.431  7.519   1.00 45.25 ? 2023 HOH A O   1 
HETATM 508 O O   . HOH C 3 .  ? 12.202  -3.048  4.193   1.00 36.08 ? 2024 HOH A O   1 
HETATM 509 O O   . HOH C 3 .  ? 12.660  -0.922  2.925   1.00 24.13 ? 2025 HOH A O   1 
HETATM 510 O O   . HOH C 3 .  ? 13.047  1.618   8.131   1.00 21.11 ? 2026 HOH A O   1 
HETATM 511 O O   . HOH C 3 .  ? 14.347  3.607   -0.303  1.00 33.42 ? 2027 HOH A O   1 
HETATM 512 O O   . HOH C 3 .  ? 14.321  6.411   0.971   1.00 35.88 ? 2028 HOH A O   1 
HETATM 513 O O   . HOH C 3 .  ? 13.124  1.438   3.479   1.00 30.69 ? 2029 HOH A O   1 
HETATM 514 O O   . HOH C 3 .  ? 8.736   11.938  5.589   1.00 38.88 ? 2030 HOH A O   1 
HETATM 515 O O   . HOH C 3 .  ? 8.521   12.445  11.664  1.00 45.11 ? 2031 HOH A O   1 
HETATM 516 O O   . HOH C 3 .  ? 6.362   10.749  9.279   1.00 36.82 ? 2032 HOH A O   1 
HETATM 517 O O   . HOH C 3 .  ? 1.757   9.368   10.865  1.00 47.21 ? 2033 HOH A O   1 
HETATM 518 O O   . HOH C 3 .  ? 0.022   8.320   6.882   1.00 22.34 ? 2034 HOH A O   1 
HETATM 519 O O   . HOH C 3 .  ? 6.554   12.591  6.616   1.00 27.70 ? 2035 HOH A O   1 
HETATM 520 O O   . HOH C 3 .  ? 3.102   13.095  8.716   1.00 29.51 ? 2036 HOH A O   1 
HETATM 521 O O   . HOH C 3 .  ? 10.666  8.339   3.339   1.00 27.78 ? 2037 HOH A O   1 
HETATM 522 O O   . HOH C 3 .  ? 8.998   -4.707  5.817   1.00 27.52 ? 2038 HOH A O   1 
HETATM 523 O O   . HOH C 3 .  ? 10.266  -8.179  5.541   1.00 14.79 ? 2039 HOH A O   1 
HETATM 524 O O   . HOH C 3 .  ? 6.918   -12.863 5.993   1.00 38.25 ? 2040 HOH A O   1 
HETATM 525 O O   . HOH C 3 .  ? 7.628   -6.459  7.620   1.00 26.53 ? 2041 HOH A O   1 
HETATM 526 O O   . HOH C 3 .  ? 8.974   -9.791  2.683   1.00 14.34 ? 2042 HOH A O   1 
HETATM 527 O O   . HOH C 3 .  ? 7.203   -12.550 1.177   1.00 31.68 ? 2043 HOH A O   1 
HETATM 528 O O   . HOH C 3 .  ? 3.459   -11.792 2.289   1.00 24.56 ? 2044 HOH A O   1 
HETATM 529 O O   . HOH C 3 .  ? 6.814   -15.243 -4.390  1.00 38.13 ? 2045 HOH A O   1 
HETATM 530 O O   . HOH C 3 .  ? 5.217   -15.040 0.373   1.00 36.46 ? 2046 HOH A O   1 
HETATM 531 O O   . HOH C 3 .  ? 2.605   -14.902 -3.780  1.00 40.78 ? 2047 HOH A O   1 
HETATM 532 O O   . HOH C 3 .  ? 4.496   -10.061 -5.392  1.00 35.14 ? 2048 HOH A O   1 
HETATM 533 O O   . HOH C 3 .  ? -0.381  -12.697 -1.848  1.00 32.97 ? 2049 HOH A O   1 
HETATM 534 O O   . HOH C 3 .  ? 3.390   -10.715 5.669   1.00 18.93 ? 2050 HOH A O   1 
HETATM 535 O O   . HOH C 3 .  ? -3.800  -8.450  3.472   1.00 37.38 ? 2051 HOH A O   1 
HETATM 536 O O   . HOH C 3 .  ? -1.683  -10.133 2.562   1.00 21.12 ? 2052 HOH A O   1 
HETATM 537 O O   . HOH C 3 .  ? -5.033  -5.619  3.446   1.00 23.95 ? 2053 HOH A O   1 
HETATM 538 O O   . HOH C 3 .  ? -6.615  -3.550  5.763   1.00 21.97 ? 2054 HOH A O   1 
HETATM 539 O O   . HOH C 3 .  ? -10.634 -4.935  1.541   1.00 38.07 ? 2055 HOH A O   1 
HETATM 540 O O   . HOH C 3 .  ? -10.421 2.206   -0.144  1.00 24.88 ? 2056 HOH A O   1 
HETATM 541 O O   . HOH C 3 .  ? -10.458 6.901   0.977   1.00 27.06 ? 2057 HOH A O   1 
HETATM 542 O O   . HOH C 3 .  ? -2.708  9.556   -8.399  1.00 20.70 ? 2058 HOH A O   1 
HETATM 543 O O   . HOH C 3 .  ? -3.017  5.851   -9.449  1.00 14.17 ? 2059 HOH A O   1 
HETATM 544 O O   . HOH C 3 .  ? -5.642  11.102  -5.750  1.00 39.92 ? 2060 HOH A O   1 
HETATM 545 O O   . HOH C 3 .  ? -2.524  11.662  -0.523  1.00 33.93 ? 2061 HOH A O   1 
HETATM 546 O O   . HOH C 3 .  ? 4.064   11.279  -10.250 1.00 37.36 ? 2062 HOH A O   1 
HETATM 547 O O   . HOH C 3 .  ? 1.298   8.740   -10.027 1.00 27.12 ? 2063 HOH A O   1 
HETATM 548 O O   . HOH C 3 .  ? 6.998   11.210  -6.907  1.00 20.04 ? 2064 HOH A O   1 
HETATM 549 O O   . HOH C 3 .  ? 5.560   8.687   -9.091  1.00 27.04 ? 2065 HOH A O   1 
HETATM 550 O O   . HOH C 3 .  ? -1.724  9.017   -0.632  1.00 15.80 ? 2066 HOH A O   1 
HETATM 551 O O   . HOH C 3 .  ? -0.876  7.362   -8.441  1.00 17.03 ? 2067 HOH A O   1 
HETATM 552 O O   . HOH C 3 .  ? -2.181  9.203   4.212   1.00 34.97 ? 2068 HOH A O   1 
HETATM 553 O O   . HOH C 3 .  ? -12.265 0.640   5.883   1.00 25.71 ? 2069 HOH A O   1 
HETATM 554 O O   . HOH C 3 .  ? -10.077 0.088   4.176   1.00 29.44 ? 2070 HOH A O   1 
HETATM 555 O O   . HOH C 3 .  ? -11.503 4.145   4.004   1.00 26.57 ? 2071 HOH A O   1 
HETATM 556 O O   . HOH C 3 .  ? -4.857  -6.701  6.367   1.00 19.39 ? 2072 HOH A O   1 
HETATM 557 O O   . HOH C 3 .  ? 0.143   -5.383  12.308  1.00 14.41 ? 2073 HOH A O   1 
HETATM 558 O O   . HOH C 3 .  ? -2.194  -9.590  5.830   1.00 27.62 ? 2074 HOH A O   1 
HETATM 559 O O   . HOH C 3 .  ? -6.112  -3.115  8.457   1.00 15.65 ? 2075 HOH A O   1 
HETATM 560 O O   . HOH C 3 .  ? 5.324   4.197   -9.585  1.00 24.95 ? 2076 HOH A O   1 
HETATM 561 O O   . HOH C 3 .  ? 3.498   7.078   -9.781  1.00 17.73 ? 2077 HOH A O   1 
HETATM 562 O O   . HOH C 3 .  ? 10.141  -0.266  -8.232  1.00 28.22 ? 2078 HOH A O   1 
HETATM 563 O O   . HOH C 3 .  ? 10.889  1.860   -9.970  1.00 34.54 ? 2079 HOH A O   1 
HETATM 564 O O   . HOH C 3 .  ? 13.596  -0.583  0.472   1.00 19.86 ? 2080 HOH A O   1 
HETATM 565 O O   . HOH C 3 .  ? 13.596  2.241   -2.896  1.00 12.27 ? 2081 HOH A O   1 
HETATM 566 O O   . HOH C 3 .  ? 5.199   -1.311  -9.709  1.00 19.66 ? 2082 HOH A O   1 
HETATM 567 O O   . HOH C 3 .  ? -1.318  -3.900  -12.224 1.00 21.80 ? 2083 HOH A O   1 
HETATM 568 O O   . HOH C 3 .  ? -8.434  -4.443  -6.191  1.00 15.03 ? 2084 HOH A O   1 
HETATM 569 O O   . HOH C 3 .  ? -6.317  -8.848  -10.415 1.00 29.79 ? 2085 HOH A O   1 
HETATM 570 O O   . HOH C 3 .  ? -8.347  -8.679  -7.061  1.00 28.69 ? 2086 HOH A O   1 
# 
